data_2PLS
#
_entry.id   2PLS
#
_cell.length_a   108.243
_cell.length_b   108.493
_cell.length_c   106.370
_cell.angle_alpha   90.00
_cell.angle_beta   90.00
_cell.angle_gamma   90.00
#
_symmetry.space_group_name_H-M   'P 21 21 2'
#
loop_
_entity.id
_entity.type
_entity.pdbx_description
1 polymer 'CBS domain protein'
2 non-polymer 'ACETATE ION'
3 non-polymer 1,2-ETHANEDIOL
4 non-polymer 'FORMIC ACID'
5 non-polymer 'MAGNESIUM ION'
6 water water
#
_entity_poly.entity_id   1
_entity_poly.type   'polypeptide(L)'
_entity_poly.pdbx_seq_one_letter_code
;SNAVQREDGSWLLDGLIAVPELKDTLGLRAVPEEEKGVYHTLSG(MSE)I(MSE)WLLGRLPQTGDITFWENWRLEVID
(MSE)DSKRIDKVLATKID
;
_entity_poly.pdbx_strand_id   A,B,C,D,E,F,G,H,I,J,K,L
#
loop_
_chem_comp.id
_chem_comp.type
_chem_comp.name
_chem_comp.formula
ACT non-polymer 'ACETATE ION' 'C2 H3 O2 -1'
EDO non-polymer 1,2-ETHANEDIOL 'C2 H6 O2'
FMT non-polymer 'FORMIC ACID' 'C H2 O2'
MG non-polymer 'MAGNESIUM ION' 'Mg 2'
#
# COMPACT_ATOMS: atom_id res chain seq x y z
N SER A 1 -35.40 12.63 16.21
CA SER A 1 -34.21 12.42 15.32
C SER A 1 -32.97 13.18 15.84
N ASN A 2 -32.96 13.47 17.12
CA ASN A 2 -31.92 14.28 17.68
C ASN A 2 -30.56 13.65 17.77
N ALA A 3 -29.56 14.50 17.89
CA ALA A 3 -28.30 14.17 18.42
C ALA A 3 -27.87 15.24 19.34
N VAL A 4 -27.05 14.89 20.31
CA VAL A 4 -26.70 15.74 21.39
C VAL A 4 -25.35 15.26 21.75
N GLN A 5 -24.40 16.16 21.83
CA GLN A 5 -23.02 15.89 22.20
C GLN A 5 -22.81 16.09 23.70
N ARG A 6 -22.42 15.02 24.38
CA ARG A 6 -22.12 15.06 25.80
C ARG A 6 -20.82 15.85 26.11
N GLU A 7 -20.55 16.04 27.40
CA GLU A 7 -19.40 16.82 27.89
C GLU A 7 -18.02 16.28 27.46
N ASP A 8 -17.95 15.00 27.10
CA ASP A 8 -16.67 14.35 26.80
C ASP A 8 -16.44 14.08 25.31
N GLY A 9 -17.27 14.67 24.47
CA GLY A 9 -17.18 14.45 23.03
C GLY A 9 -18.14 13.41 22.52
N SER A 10 -18.58 12.49 23.38
CA SER A 10 -19.44 11.39 22.92
C SER A 10 -20.84 11.86 22.54
N TRP A 11 -21.55 11.02 21.80
CA TRP A 11 -22.84 11.40 21.24
C TRP A 11 -24.00 10.51 21.72
N LEU A 12 -25.09 11.14 22.11
CA LEU A 12 -26.35 10.48 22.29
C LEU A 12 -27.21 10.69 21.04
N LEU A 13 -27.64 9.59 20.43
CA LEU A 13 -28.40 9.66 19.18
C LEU A 13 -29.71 8.87 19.26
N ASP A 14 -30.74 9.44 18.66
CA ASP A 14 -32.04 8.79 18.47
C ASP A 14 -31.80 7.64 17.49
N GLY A 15 -32.42 6.48 17.72
CA GLY A 15 -32.29 5.36 16.78
C GLY A 15 -32.97 5.62 15.43
N LEU A 16 -33.93 6.54 15.40
CA LEU A 16 -34.62 6.85 14.14
C LEU A 16 -33.98 8.03 13.42
N ILE A 17 -32.78 8.43 13.87
CA ILE A 17 -31.99 9.41 13.12
C ILE A 17 -31.67 8.87 11.70
N ALA A 18 -31.97 9.67 10.68
CA ALA A 18 -31.75 9.23 9.30
C ALA A 18 -30.25 9.24 8.93
N VAL A 19 -29.89 8.46 7.91
CA VAL A 19 -28.48 8.28 7.50
C VAL A 19 -27.74 9.59 7.13
N PRO A 20 -28.35 10.46 6.28
CA PRO A 20 -27.72 11.76 6.01
C PRO A 20 -27.21 12.43 7.27
N GLU A 21 -28.13 12.67 8.23
CA GLU A 21 -27.82 13.35 9.49
C GLU A 21 -26.80 12.57 10.34
N LEU A 22 -26.82 11.24 10.22
CA LEU A 22 -25.88 10.40 10.95
C LEU A 22 -24.44 10.59 10.42
N LYS A 23 -24.27 10.65 9.03
CA LYS A 23 -22.93 10.86 8.48
C LYS A 23 -22.40 12.22 8.93
N ASP A 24 -23.23 13.25 8.78
CA ASP A 24 -22.91 14.62 9.18
C ASP A 24 -22.49 14.72 10.66
N THR A 25 -23.31 14.14 11.56
CA THR A 25 -23.03 14.17 13.00
C THR A 25 -21.70 13.49 13.37
N LEU A 26 -21.49 12.25 12.90
CA LEU A 26 -20.32 11.46 13.32
C LEU A 26 -19.09 11.57 12.42
N GLY A 27 -19.23 12.32 11.34
CA GLY A 27 -18.19 12.45 10.35
C GLY A 27 -17.88 11.12 9.68
N LEU A 28 -18.92 10.34 9.39
CA LEU A 28 -18.73 9.06 8.68
C LEU A 28 -18.47 9.35 7.22
N ARG A 29 -17.50 8.60 6.67
CA ARG A 29 -17.15 8.66 5.27
C ARG A 29 -18.19 7.95 4.41
N ALA A 30 -18.65 6.82 4.94
CA ALA A 30 -19.59 5.92 4.28
C ALA A 30 -20.46 5.22 5.32
N VAL A 31 -21.45 4.47 4.84
CA VAL A 31 -22.25 3.63 5.68
C VAL A 31 -22.34 2.27 5.01
N PRO A 32 -22.56 1.18 5.78
CA PRO A 32 -22.65 -0.11 5.09
C PRO A 32 -23.84 -0.21 4.13
N GLU A 33 -23.71 -1.02 3.08
CA GLU A 33 -24.79 -1.20 2.11
C GLU A 33 -25.35 0.11 1.58
N GLU A 34 -24.50 1.13 1.45
CA GLU A 34 -24.96 2.44 1.02
C GLU A 34 -25.60 2.34 -0.37
N GLU A 35 -26.63 3.12 -0.61
CA GLU A 35 -27.41 2.97 -1.82
CA GLU A 35 -27.47 2.97 -1.79
C GLU A 35 -27.90 1.61 -2.20
N LYS A 36 -28.26 0.77 -1.25
CA LYS A 36 -28.87 -0.54 -1.53
C LYS A 36 -30.28 -0.67 -0.87
N GLY A 37 -30.76 0.45 -0.30
CA GLY A 37 -32.13 0.56 0.23
C GLY A 37 -32.45 -0.48 1.30
N VAL A 38 -31.45 -0.68 2.19
CA VAL A 38 -31.48 -1.80 3.12
C VAL A 38 -32.00 -1.34 4.48
N TYR A 39 -31.57 -0.14 4.89
CA TYR A 39 -32.01 0.45 6.15
C TYR A 39 -31.94 1.94 5.90
N HIS A 40 -32.65 2.71 6.70
CA HIS A 40 -32.69 4.14 6.54
C HIS A 40 -32.43 4.92 7.76
N THR A 41 -32.28 4.21 8.85
CA THR A 41 -32.04 4.87 10.11
C THR A 41 -30.85 4.24 10.78
N LEU A 42 -30.40 4.89 11.86
CA LEU A 42 -29.33 4.35 12.69
C LEU A 42 -29.72 2.99 13.26
N SER A 43 -30.93 2.88 13.80
CA SER A 43 -31.48 1.60 14.24
C SER A 43 -31.27 0.47 13.20
N GLY A 44 -31.66 0.70 11.94
CA GLY A 44 -31.54 -0.31 10.89
C GLY A 44 -30.11 -0.64 10.52
N MSE A 45 -29.20 0.33 10.64
CA MSE A 45 -27.77 0.14 10.36
C MSE A 45 -27.18 -0.75 11.42
O MSE A 45 -26.45 -1.71 11.13
CB MSE A 45 -27.04 1.48 10.33
CG MSE A 45 -25.56 1.40 9.82
SE MSE A 45 -24.61 3.12 9.95
CE MSE A 45 -23.89 2.93 11.73
N ILE A 46 -27.51 -0.44 12.69
CA ILE A 46 -27.07 -1.29 13.80
C ILE A 46 -27.58 -2.71 13.66
N MSE A 47 -28.87 -2.87 13.33
CA MSE A 47 -29.42 -4.18 13.08
C MSE A 47 -28.70 -4.92 11.92
O MSE A 47 -28.44 -6.11 12.02
CB MSE A 47 -30.95 -4.07 12.85
CG MSE A 47 -31.57 -5.38 12.34
SE MSE A 47 -33.52 -5.57 12.50
CE MSE A 47 -34.10 -4.41 11.01
N TRP A 48 -28.41 -4.21 10.81
CA TRP A 48 -27.62 -4.78 9.73
C TRP A 48 -26.23 -5.27 10.24
N LEU A 49 -25.50 -4.40 10.96
CA LEU A 49 -24.15 -4.76 11.45
C LEU A 49 -24.13 -5.94 12.40
N LEU A 50 -25.17 -6.07 13.21
CA LEU A 50 -25.29 -7.20 14.12
C LEU A 50 -25.78 -8.45 13.41
N GLY A 51 -26.45 -8.27 12.29
CA GLY A 51 -27.06 -9.38 11.55
C GLY A 51 -28.19 -10.06 12.34
N ARG A 52 -28.81 -9.31 13.26
CA ARG A 52 -29.95 -9.83 14.04
C ARG A 52 -30.63 -8.66 14.76
N LEU A 53 -31.77 -8.94 15.39
CA LEU A 53 -32.47 -7.94 16.19
C LEU A 53 -31.58 -7.44 17.33
N PRO A 54 -31.40 -6.11 17.42
CA PRO A 54 -30.56 -5.57 18.47
C PRO A 54 -31.21 -5.73 19.85
N GLN A 55 -30.36 -5.70 20.88
CA GLN A 55 -30.77 -5.67 22.28
C GLN A 55 -30.03 -4.56 22.99
N THR A 56 -30.65 -4.02 24.02
CA THR A 56 -30.06 -2.99 24.84
C THR A 56 -28.85 -3.58 25.54
N GLY A 57 -27.69 -2.97 25.31
CA GLY A 57 -26.43 -3.51 25.82
C GLY A 57 -25.52 -3.92 24.68
N ASP A 58 -26.07 -4.07 23.46
CA ASP A 58 -25.29 -4.50 22.29
C ASP A 58 -24.33 -3.42 21.80
N ILE A 59 -23.17 -3.85 21.33
CA ILE A 59 -22.11 -2.95 20.89
C ILE A 59 -21.78 -3.33 19.44
N THR A 60 -21.80 -2.35 18.55
CA THR A 60 -21.22 -2.58 17.25
C THR A 60 -20.22 -1.48 16.85
N PHE A 61 -19.57 -1.65 15.71
CA PHE A 61 -18.43 -0.82 15.33
C PHE A 61 -18.47 -0.48 13.86
N TRP A 62 -18.05 0.75 13.55
CA TRP A 62 -17.99 1.24 12.19
C TRP A 62 -17.07 2.46 12.15
N GLU A 63 -16.02 2.36 11.32
CA GLU A 63 -15.02 3.40 11.14
C GLU A 63 -14.35 3.77 12.46
N ASN A 64 -14.44 5.02 12.88
CA ASN A 64 -13.82 5.44 14.15
CA ASN A 64 -13.86 5.47 14.14
C ASN A 64 -14.81 5.36 15.33
N TRP A 65 -15.96 4.69 15.14
CA TRP A 65 -17.03 4.68 16.16
C TRP A 65 -17.45 3.35 16.78
N ARG A 66 -17.62 3.40 18.10
CA ARG A 66 -18.29 2.37 18.90
C ARG A 66 -19.73 2.87 19.12
N LEU A 67 -20.69 2.02 18.80
CA LEU A 67 -22.07 2.35 18.92
C LEU A 67 -22.69 1.37 19.93
N GLU A 68 -23.23 1.89 21.02
CA GLU A 68 -23.79 1.08 22.11
C GLU A 68 -25.31 1.33 22.14
N VAL A 69 -26.11 0.24 22.18
CA VAL A 69 -27.56 0.36 22.23
C VAL A 69 -27.93 0.60 23.70
N ILE A 70 -28.51 1.77 23.94
CA ILE A 70 -28.75 2.29 25.28
C ILE A 70 -30.22 2.08 25.66
N ASP A 71 -31.10 2.14 24.68
CA ASP A 71 -32.53 1.97 24.92
C ASP A 71 -33.27 1.47 23.67
N MSE A 72 -34.33 0.70 23.86
CA MSE A 72 -35.14 0.21 22.75
C MSE A 72 -36.55 0.67 22.90
O MSE A 72 -37.06 0.76 24.02
CB MSE A 72 -35.28 -1.34 22.75
CG MSE A 72 -34.05 -2.19 22.86
SE MSE A 72 -33.05 -2.54 21.23
CE MSE A 72 -34.41 -3.06 19.86
N ASP A 73 -37.20 0.86 21.76
CA ASP A 73 -38.68 0.92 21.69
C ASP A 73 -39.18 -0.39 21.02
N SER A 74 -39.54 -1.38 21.83
CA SER A 74 -39.76 -2.75 21.35
C SER A 74 -38.65 -3.21 20.35
N LYS A 75 -38.99 -3.50 19.09
CA LYS A 75 -37.99 -4.01 18.10
C LYS A 75 -36.99 -3.00 17.54
N ARG A 76 -37.24 -1.72 17.72
CA ARG A 76 -36.35 -0.72 17.09
C ARG A 76 -35.52 0.01 18.14
N ILE A 77 -34.32 0.44 17.77
CA ILE A 77 -33.47 1.13 18.74
C ILE A 77 -33.94 2.54 18.96
N ASP A 78 -33.92 2.97 20.22
CA ASP A 78 -34.47 4.27 20.57
C ASP A 78 -33.34 5.26 20.90
N LYS A 79 -32.33 4.79 21.65
CA LYS A 79 -31.13 5.60 21.96
C LYS A 79 -29.82 4.83 21.78
N VAL A 80 -28.78 5.54 21.31
CA VAL A 80 -27.51 4.97 20.94
C VAL A 80 -26.43 5.90 21.43
N LEU A 81 -25.41 5.34 22.10
CA LEU A 81 -24.23 6.10 22.52
C LEU A 81 -23.09 5.83 21.55
N ALA A 82 -22.64 6.88 20.85
CA ALA A 82 -21.52 6.81 19.93
C ALA A 82 -20.29 7.43 20.56
N THR A 83 -19.20 6.69 20.55
CA THR A 83 -17.91 7.10 21.09
C THR A 83 -16.84 6.81 20.06
N LYS A 84 -15.99 7.80 19.83
CA LYS A 84 -14.90 7.69 18.88
C LYS A 84 -13.71 6.97 19.51
N ILE A 85 -13.42 5.76 19.01
CA ILE A 85 -12.23 4.97 19.43
C ILE A 85 -10.91 5.68 19.09
N ASP A 86 -10.17 6.09 20.12
CA ASP A 86 -8.98 6.94 19.94
C ASP A 86 -9.21 8.04 18.88
N SER B 1 2.95 -9.44 -1.04
CA SER B 1 1.99 -8.74 -0.12
C SER B 1 2.51 -8.51 1.30
N ASN B 2 2.21 -7.30 1.79
CA ASN B 2 3.13 -6.52 2.62
C ASN B 2 2.58 -6.08 3.99
N ALA B 3 3.49 -5.61 4.84
CA ALA B 3 3.17 -5.01 6.13
C ALA B 3 4.05 -3.80 6.38
N VAL B 4 3.44 -2.65 6.62
CA VAL B 4 4.22 -1.49 7.04
C VAL B 4 3.69 -0.93 8.37
N GLN B 5 4.63 -0.70 9.27
CA GLN B 5 4.31 -0.16 10.57
C GLN B 5 4.36 1.35 10.52
N ARG B 6 3.48 1.99 11.28
CA ARG B 6 3.35 3.44 11.23
C ARG B 6 3.95 4.06 12.47
N GLU B 7 4.13 5.38 12.44
CA GLU B 7 4.77 6.14 13.53
C GLU B 7 4.04 6.13 14.89
N ASP B 8 3.01 5.30 15.02
CA ASP B 8 2.42 4.99 16.33
C ASP B 8 2.45 3.50 16.64
N GLY B 9 3.11 2.73 15.78
CA GLY B 9 3.27 1.29 15.98
C GLY B 9 2.14 0.44 15.42
N SER B 10 1.13 1.08 14.85
CA SER B 10 0.02 0.34 14.22
C SER B 10 0.50 -0.13 12.85
N TRP B 11 -0.13 -1.18 12.34
CA TRP B 11 0.25 -1.74 11.05
C TRP B 11 -0.73 -1.44 9.93
N LEU B 12 -0.18 -1.03 8.80
CA LEU B 12 -0.94 -1.04 7.57
C LEU B 12 -0.57 -2.33 6.86
N LEU B 13 -1.55 -3.21 6.69
CA LEU B 13 -1.31 -4.52 6.09
C LEU B 13 -2.08 -4.70 4.77
N ASP B 14 -1.40 -5.23 3.75
CA ASP B 14 -2.09 -5.71 2.53
C ASP B 14 -3.05 -6.86 2.91
N GLY B 15 -4.21 -6.89 2.27
CA GLY B 15 -5.20 -7.96 2.56
C GLY B 15 -4.76 -9.34 2.07
N LEU B 16 -3.88 -9.37 1.10
CA LEU B 16 -3.42 -10.60 0.51
C LEU B 16 -2.26 -11.18 1.30
N ILE B 17 -1.85 -10.54 2.41
CA ILE B 17 -0.79 -11.10 3.27
C ILE B 17 -1.19 -12.52 3.70
N ALA B 18 -0.26 -13.46 3.61
CA ALA B 18 -0.52 -14.85 3.96
C ALA B 18 -0.49 -15.12 5.48
N VAL B 19 -1.11 -16.21 5.88
CA VAL B 19 -1.26 -16.53 7.29
C VAL B 19 0.09 -16.67 8.06
N PRO B 20 1.09 -17.39 7.50
CA PRO B 20 2.35 -17.44 8.28
C PRO B 20 3.02 -16.06 8.51
N GLU B 21 3.01 -15.20 7.50
CA GLU B 21 3.59 -13.84 7.61
C GLU B 21 2.75 -12.95 8.53
N LEU B 22 1.43 -13.06 8.44
CA LEU B 22 0.52 -12.31 9.32
C LEU B 22 0.77 -12.65 10.80
N LYS B 23 0.95 -13.93 11.09
CA LYS B 23 1.17 -14.35 12.46
C LYS B 23 2.50 -13.80 12.98
N ASP B 24 3.50 -13.75 12.10
CA ASP B 24 4.82 -13.25 12.45
C ASP B 24 4.77 -11.76 12.80
N THR B 25 4.13 -11.01 11.93
CA THR B 25 4.02 -9.55 12.00
C THR B 25 3.25 -9.07 13.25
N LEU B 26 2.14 -9.72 13.56
CA LEU B 26 1.30 -9.33 14.67
C LEU B 26 1.60 -10.11 15.97
N GLY B 27 2.51 -11.07 15.91
CA GLY B 27 2.74 -11.96 17.02
C GLY B 27 1.48 -12.74 17.38
N LEU B 28 0.70 -13.19 16.41
CA LEU B 28 -0.45 -14.05 16.73
C LEU B 28 -0.06 -15.46 17.24
N ARG B 29 -0.74 -15.95 18.27
CA ARG B 29 -0.56 -17.34 18.73
C ARG B 29 -1.34 -18.34 17.86
N ALA B 30 -2.44 -17.88 17.29
CA ALA B 30 -3.29 -18.69 16.44
C ALA B 30 -4.11 -17.79 15.52
N VAL B 31 -4.79 -18.42 14.56
CA VAL B 31 -5.81 -17.78 13.74
C VAL B 31 -7.12 -18.60 13.85
N PRO B 32 -8.29 -18.01 13.55
CA PRO B 32 -9.50 -18.86 13.65
C PRO B 32 -9.46 -19.98 12.61
N GLU B 33 -10.06 -21.14 12.90
CA GLU B 33 -10.12 -22.26 11.94
C GLU B 33 -8.78 -22.76 11.44
N GLU B 34 -7.76 -22.69 12.30
CA GLU B 34 -6.41 -22.99 11.88
C GLU B 34 -6.28 -24.43 11.40
N GLU B 35 -5.49 -24.63 10.36
CA GLU B 35 -5.31 -25.99 9.81
C GLU B 35 -6.54 -26.57 9.11
N LYS B 36 -7.68 -25.86 9.13
CA LYS B 36 -8.87 -26.33 8.40
C LYS B 36 -8.90 -25.92 6.93
N GLY B 37 -8.03 -24.99 6.56
CA GLY B 37 -7.90 -24.54 5.17
C GLY B 37 -9.09 -23.75 4.61
N VAL B 38 -9.75 -22.98 5.46
CA VAL B 38 -10.95 -22.20 5.12
C VAL B 38 -10.60 -20.93 4.34
N TYR B 39 -9.47 -20.30 4.69
CA TYR B 39 -9.00 -19.05 4.05
C TYR B 39 -7.47 -19.13 4.19
N HIS B 40 -6.73 -18.28 3.49
CA HIS B 40 -5.27 -18.37 3.50
C HIS B 40 -4.58 -17.03 3.59
N THR B 41 -5.37 -16.03 3.93
CA THR B 41 -5.02 -14.66 3.66
C THR B 41 -5.67 -13.82 4.78
N LEU B 42 -5.08 -12.69 5.17
CA LEU B 42 -5.78 -11.73 6.06
C LEU B 42 -7.20 -11.33 5.65
N SER B 43 -7.39 -11.07 4.35
CA SER B 43 -8.69 -10.69 3.81
C SER B 43 -9.72 -11.78 4.09
N GLY B 44 -9.36 -13.02 3.79
CA GLY B 44 -10.20 -14.20 4.06
C GLY B 44 -10.51 -14.37 5.54
N MSE B 45 -9.50 -14.13 6.38
CA MSE B 45 -9.67 -14.24 7.81
C MSE B 45 -10.73 -13.27 8.34
O MSE B 45 -11.57 -13.65 9.18
CB MSE B 45 -8.36 -13.98 8.55
CG MSE B 45 -8.51 -14.20 10.02
SE MSE B 45 -6.82 -13.97 11.05
CE MSE B 45 -7.16 -12.25 11.90
N ILE B 46 -10.64 -12.01 7.89
CA ILE B 46 -11.55 -10.97 8.28
C ILE B 46 -12.96 -11.31 7.76
N MSE B 47 -13.05 -11.72 6.49
CA MSE B 47 -14.33 -12.22 5.95
C MSE B 47 -14.98 -13.33 6.81
O MSE B 47 -16.18 -13.32 7.06
CB MSE B 47 -14.15 -12.67 4.49
CG MSE B 47 -15.39 -13.34 3.91
SE MSE B 47 -15.50 -13.25 1.98
CE MSE B 47 -14.09 -14.53 1.52
N TRP B 48 -14.15 -14.27 7.27
CA TRP B 48 -14.58 -15.35 8.11
C TRP B 48 -15.10 -14.79 9.45
N LEU B 49 -14.35 -13.89 10.07
CA LEU B 49 -14.77 -13.31 11.36
C LEU B 49 -16.04 -12.46 11.20
N LEU B 50 -16.16 -11.73 10.09
CA LEU B 50 -17.41 -10.97 9.80
C LEU B 50 -18.62 -11.84 9.45
N GLY B 51 -18.36 -13.03 8.89
CA GLY B 51 -19.42 -13.92 8.38
C GLY B 51 -20.12 -13.38 7.13
N ARG B 52 -19.44 -12.52 6.37
CA ARG B 52 -20.01 -11.90 5.16
C ARG B 52 -18.91 -11.13 4.44
N LEU B 53 -19.17 -10.70 3.21
CA LEU B 53 -18.28 -9.81 2.49
C LEU B 53 -18.00 -8.54 3.34
N PRO B 54 -16.70 -8.29 3.61
CA PRO B 54 -16.30 -7.07 4.30
C PRO B 54 -16.54 -5.81 3.46
N GLN B 55 -16.66 -4.67 4.14
CA GLN B 55 -16.79 -3.36 3.47
C GLN B 55 -15.80 -2.43 4.16
N THR B 56 -15.36 -1.43 3.43
CA THR B 56 -14.49 -0.41 3.96
C THR B 56 -15.22 0.30 5.10
N GLY B 57 -14.56 0.38 6.26
CA GLY B 57 -15.23 0.86 7.45
C GLY B 57 -15.46 -0.21 8.48
N ASP B 58 -15.41 -1.49 8.05
CA ASP B 58 -15.73 -2.64 8.92
C ASP B 58 -14.61 -2.88 9.91
N ILE B 59 -14.98 -3.28 11.12
CA ILE B 59 -14.03 -3.54 12.18
C ILE B 59 -14.25 -4.95 12.72
N THR B 60 -13.15 -5.72 12.88
CA THR B 60 -13.22 -6.98 13.61
C THR B 60 -12.05 -7.09 14.59
N PHE B 61 -12.04 -8.18 15.33
CA PHE B 61 -11.16 -8.30 16.48
C PHE B 61 -10.63 -9.69 16.56
N TRP B 62 -9.36 -9.82 16.93
CA TRP B 62 -8.77 -11.13 17.11
C TRP B 62 -7.51 -11.00 18.01
N GLU B 63 -7.48 -11.80 19.08
CA GLU B 63 -6.43 -11.76 20.10
C GLU B 63 -6.15 -10.35 20.62
N ASN B 64 -4.94 -9.86 20.39
CA ASN B 64 -4.56 -8.51 20.90
C ASN B 64 -4.96 -7.29 19.98
N TRP B 65 -5.71 -7.57 18.91
CA TRP B 65 -5.80 -6.67 17.75
C TRP B 65 -7.18 -6.23 17.29
N ARG B 66 -7.31 -4.93 16.97
CA ARG B 66 -8.45 -4.39 16.25
C ARG B 66 -8.08 -4.30 14.77
N LEU B 67 -8.90 -4.89 13.91
CA LEU B 67 -8.65 -4.90 12.46
C LEU B 67 -9.69 -4.07 11.76
N GLU B 68 -9.24 -3.01 11.09
CA GLU B 68 -10.13 -2.13 10.35
C GLU B 68 -9.86 -2.23 8.84
N VAL B 69 -10.93 -2.42 8.09
CA VAL B 69 -10.87 -2.50 6.62
C VAL B 69 -10.74 -1.08 6.09
N ILE B 70 -9.61 -0.80 5.45
CA ILE B 70 -9.30 0.55 4.95
C ILE B 70 -9.67 0.73 3.48
N ASP B 71 -9.63 -0.36 2.71
CA ASP B 71 -9.94 -0.33 1.26
C ASP B 71 -10.22 -1.74 0.71
N MSE B 72 -11.16 -1.82 -0.22
CA MSE B 72 -11.50 -3.08 -0.88
C MSE B 72 -10.86 -3.20 -2.29
O MSE B 72 -10.62 -2.18 -2.98
CB MSE B 72 -13.03 -3.18 -1.04
CG MSE B 72 -13.84 -3.25 0.21
SE MSE B 72 -13.33 -4.78 1.31
CE MSE B 72 -14.08 -6.27 0.25
N ASP B 73 -10.62 -4.44 -2.73
CA ASP B 73 -10.25 -4.74 -4.11
C ASP B 73 -11.31 -5.71 -4.65
N SER B 74 -12.44 -5.12 -5.06
CA SER B 74 -13.69 -5.85 -5.35
C SER B 74 -14.11 -6.85 -4.25
N LYS B 75 -13.96 -8.16 -4.51
CA LYS B 75 -14.39 -9.23 -3.57
C LYS B 75 -13.43 -9.49 -2.39
N ARG B 76 -12.31 -8.78 -2.37
CA ARG B 76 -11.29 -8.96 -1.35
C ARG B 76 -10.86 -7.64 -0.73
N ILE B 77 -10.40 -7.69 0.52
CA ILE B 77 -9.82 -6.53 1.19
C ILE B 77 -8.45 -6.19 0.59
N ASP B 78 -8.26 -4.92 0.24
CA ASP B 78 -6.98 -4.44 -0.25
C ASP B 78 -6.04 -4.04 0.92
N LYS B 79 -6.56 -3.32 1.90
CA LYS B 79 -5.72 -2.78 2.97
C LYS B 79 -6.46 -2.83 4.30
N VAL B 80 -5.72 -3.22 5.35
CA VAL B 80 -6.19 -3.31 6.73
C VAL B 80 -5.32 -2.45 7.69
N LEU B 81 -5.96 -1.75 8.62
CA LEU B 81 -5.22 -1.14 9.73
C LEU B 81 -5.36 -2.01 10.97
N ALA B 82 -4.23 -2.50 11.46
CA ALA B 82 -4.18 -3.31 12.66
C ALA B 82 -3.69 -2.46 13.84
N THR B 83 -4.50 -2.39 14.89
CA THR B 83 -4.16 -1.63 16.08
C THR B 83 -4.25 -2.49 17.33
N LYS B 84 -3.21 -2.41 18.14
CA LYS B 84 -3.14 -3.15 19.39
C LYS B 84 -4.24 -2.67 20.35
N ILE B 85 -4.94 -3.62 20.97
CA ILE B 85 -5.96 -3.32 21.99
C ILE B 85 -5.32 -3.03 23.36
N ASP B 86 -5.81 -1.95 23.98
CA ASP B 86 -5.36 -1.42 25.28
C ASP B 86 -5.04 0.08 25.15
N SER C 1 -19.30 -21.10 39.48
CA SER C 1 -17.81 -21.04 39.60
C SER C 1 -17.29 -19.63 39.38
N ASN C 2 -16.02 -19.43 39.21
CA ASN C 2 -15.45 -18.25 39.80
C ASN C 2 -14.97 -17.06 39.00
N ALA C 3 -14.39 -16.10 39.68
CA ALA C 3 -14.06 -14.79 39.16
C ALA C 3 -12.93 -14.29 40.06
N VAL C 4 -11.81 -13.93 39.43
CA VAL C 4 -10.68 -13.37 40.13
C VAL C 4 -10.38 -12.07 39.40
N GLN C 5 -10.12 -11.04 40.18
CA GLN C 5 -9.75 -9.76 39.62
C GLN C 5 -8.24 -9.56 39.59
N ARG C 6 -7.71 -9.18 38.42
CA ARG C 6 -6.32 -8.74 38.32
C ARG C 6 -6.13 -7.38 38.98
N GLU C 7 -4.87 -7.05 39.32
CA GLU C 7 -4.57 -5.76 39.97
C GLU C 7 -5.00 -4.57 39.12
N ASP C 8 -5.03 -4.74 37.80
CA ASP C 8 -5.54 -3.70 36.90
C ASP C 8 -7.06 -3.52 36.91
N GLY C 9 -7.77 -4.38 37.64
CA GLY C 9 -9.22 -4.29 37.74
C GLY C 9 -9.99 -5.18 36.77
N SER C 10 -9.34 -5.68 35.71
CA SER C 10 -9.99 -6.66 34.83
C SER C 10 -10.26 -7.99 35.53
N TRP C 11 -11.21 -8.77 34.99
CA TRP C 11 -11.65 -10.04 35.62
C TRP C 11 -11.29 -11.29 34.81
N LEU C 12 -10.72 -12.29 35.43
CA LEU C 12 -10.65 -13.61 34.84
C LEU C 12 -11.87 -14.39 35.33
N LEU C 13 -12.65 -14.88 34.38
CA LEU C 13 -13.92 -15.50 34.73
C LEU C 13 -13.93 -16.92 34.20
N ASP C 14 -14.45 -17.84 35.01
CA ASP C 14 -14.69 -19.18 34.53
C ASP C 14 -15.84 -19.16 33.51
N GLY C 15 -15.70 -19.89 32.41
CA GLY C 15 -16.79 -19.94 31.39
C GLY C 15 -18.09 -20.47 31.95
N LEU C 16 -18.02 -21.29 32.99
CA LEU C 16 -19.24 -21.84 33.61
C LEU C 16 -19.89 -20.97 34.70
N ILE C 17 -19.37 -19.76 34.93
CA ILE C 17 -20.03 -18.80 35.82
C ILE C 17 -21.47 -18.59 35.34
N ALA C 18 -22.39 -18.70 36.28
CA ALA C 18 -23.81 -18.63 35.95
C ALA C 18 -24.28 -17.17 35.86
N VAL C 19 -25.43 -16.94 35.22
CA VAL C 19 -25.90 -15.56 34.98
C VAL C 19 -26.02 -14.65 36.25
N PRO C 20 -26.72 -15.10 37.32
CA PRO C 20 -26.74 -14.21 38.50
C PRO C 20 -25.36 -13.75 39.01
N GLU C 21 -24.41 -14.67 39.22
CA GLU C 21 -23.04 -14.27 39.63
C GLU C 21 -22.33 -13.39 38.61
N LEU C 22 -22.55 -13.65 37.32
CA LEU C 22 -21.93 -12.85 36.27
C LEU C 22 -22.39 -11.39 36.34
N LYS C 23 -23.72 -11.20 36.39
CA LYS C 23 -24.31 -9.87 36.47
C LYS C 23 -23.80 -9.09 37.68
N ASP C 24 -23.73 -9.77 38.82
CA ASP C 24 -23.26 -9.18 40.06
CA ASP C 24 -23.27 -9.14 40.05
C ASP C 24 -21.79 -8.78 39.95
N THR C 25 -20.98 -9.70 39.43
CA THR C 25 -19.53 -9.50 39.33
C THR C 25 -19.15 -8.31 38.43
N LEU C 26 -19.80 -8.24 37.27
CA LEU C 26 -19.51 -7.21 36.28
C LEU C 26 -20.47 -6.04 36.36
N GLY C 27 -21.40 -6.06 37.30
CA GLY C 27 -22.39 -4.96 37.39
C GLY C 27 -23.20 -4.80 36.10
N LEU C 28 -23.66 -5.90 35.52
CA LEU C 28 -24.45 -5.83 34.29
C LEU C 28 -25.88 -5.43 34.59
N ARG C 29 -26.42 -4.54 33.77
CA ARG C 29 -27.85 -4.26 33.77
C ARG C 29 -28.69 -5.49 33.26
N ALA C 30 -28.20 -6.21 32.28
CA ALA C 30 -28.94 -7.31 31.69
C ALA C 30 -27.95 -8.21 30.96
N VAL C 31 -28.46 -9.28 30.37
CA VAL C 31 -27.65 -10.11 29.48
C VAL C 31 -28.57 -10.30 28.27
N PRO C 32 -28.02 -10.64 27.11
CA PRO C 32 -28.96 -10.86 25.98
C PRO C 32 -29.93 -12.04 26.18
N GLU C 33 -31.12 -11.93 25.60
CA GLU C 33 -32.12 -13.00 25.65
C GLU C 33 -32.52 -13.34 27.07
N GLU C 34 -32.50 -12.37 27.96
CA GLU C 34 -32.76 -12.63 29.38
C GLU C 34 -34.16 -13.25 29.55
N GLU C 35 -34.26 -14.20 30.47
CA GLU C 35 -35.45 -15.08 30.64
C GLU C 35 -36.04 -15.72 29.35
N LYS C 36 -35.22 -15.95 28.33
CA LYS C 36 -35.62 -16.82 27.24
C LYS C 36 -35.08 -18.24 27.45
N GLY C 37 -34.16 -18.41 28.40
CA GLY C 37 -33.57 -19.74 28.67
C GLY C 37 -32.74 -20.26 27.51
N VAL C 38 -32.01 -19.37 26.87
CA VAL C 38 -31.19 -19.71 25.72
C VAL C 38 -29.83 -20.31 26.15
N TYR C 39 -29.23 -19.78 27.22
CA TYR C 39 -27.93 -20.20 27.73
C TYR C 39 -28.01 -19.88 29.23
N HIS C 40 -27.08 -20.38 30.03
CA HIS C 40 -27.17 -20.15 31.46
C HIS C 40 -25.83 -19.76 32.02
N THR C 41 -24.85 -19.57 31.15
CA THR C 41 -23.50 -19.29 31.63
C THR C 41 -22.87 -18.24 30.75
N LEU C 42 -21.74 -17.74 31.21
CA LEU C 42 -20.92 -16.85 30.42
C LEU C 42 -20.49 -17.44 29.08
N SER C 43 -20.07 -18.71 29.09
CA SER C 43 -19.71 -19.41 27.87
C SER C 43 -20.86 -19.42 26.88
N GLY C 44 -22.07 -19.76 27.34
CA GLY C 44 -23.21 -19.76 26.44
C GLY C 44 -23.53 -18.36 25.93
N MSE C 45 -23.36 -17.34 26.77
CA MSE C 45 -23.57 -15.98 26.37
C MSE C 45 -22.66 -15.51 25.24
O MSE C 45 -23.10 -14.81 24.34
CB MSE C 45 -23.36 -15.06 27.55
CG MSE C 45 -23.73 -13.62 27.23
SE MSE C 45 -23.70 -12.41 28.77
CE MSE C 45 -21.90 -11.73 28.65
N ILE C 46 -21.38 -15.82 25.34
CA ILE C 46 -20.43 -15.44 24.33
C ILE C 46 -20.67 -16.24 23.05
N MSE C 47 -20.97 -17.51 23.16
CA MSE C 47 -21.34 -18.29 22.00
C MSE C 47 -22.57 -17.68 21.31
O MSE C 47 -22.62 -17.59 20.09
CB MSE C 47 -21.63 -19.72 22.39
CG MSE C 47 -22.20 -20.54 21.22
SE MSE C 47 -21.89 -22.47 21.43
CE MSE C 47 -23.40 -22.84 22.61
N TRP C 48 -23.55 -17.24 22.10
CA TRP C 48 -24.71 -16.54 21.54
C TRP C 48 -24.29 -15.25 20.83
N LEU C 49 -23.43 -14.43 21.47
CA LEU C 49 -23.01 -13.14 20.88
C LEU C 49 -22.20 -13.32 19.58
N LEU C 50 -21.37 -14.37 19.53
CA LEU C 50 -20.57 -14.69 18.31
C LEU C 50 -21.39 -15.32 17.18
N GLY C 51 -22.43 -16.06 17.56
CA GLY C 51 -23.28 -16.68 16.57
C GLY C 51 -22.66 -18.00 16.12
N ARG C 52 -21.68 -18.53 16.87
CA ARG C 52 -20.96 -19.75 16.51
C ARG C 52 -20.12 -20.21 17.69
N LEU C 53 -19.57 -21.43 17.61
CA LEU C 53 -18.60 -21.91 18.63
C LEU C 53 -17.48 -20.85 18.78
N PRO C 54 -17.26 -20.36 20.01
CA PRO C 54 -16.13 -19.48 20.28
C PRO C 54 -14.83 -20.21 20.03
N GLN C 55 -13.79 -19.42 19.81
CA GLN C 55 -12.45 -19.96 19.70
C GLN C 55 -11.56 -19.07 20.57
N THR C 56 -10.48 -19.66 21.11
CA THR C 56 -9.44 -18.91 21.82
C THR C 56 -8.88 -17.80 20.95
N GLY C 57 -9.01 -16.57 21.43
CA GLY C 57 -8.63 -15.42 20.61
C GLY C 57 -9.84 -14.57 20.21
N ASP C 58 -11.05 -15.13 20.27
CA ASP C 58 -12.24 -14.35 19.95
C ASP C 58 -12.51 -13.26 20.98
N ILE C 59 -13.06 -12.14 20.50
CA ILE C 59 -13.47 -11.04 21.35
C ILE C 59 -14.92 -10.70 21.08
N THR C 60 -15.70 -10.55 22.14
CA THR C 60 -17.03 -9.97 21.99
C THR C 60 -17.29 -8.84 23.01
N PHE C 61 -18.45 -8.21 22.90
CA PHE C 61 -18.76 -6.96 23.57
C PHE C 61 -20.19 -6.99 24.11
N TRP C 62 -20.32 -6.51 25.35
CA TRP C 62 -21.63 -6.37 25.98
C TRP C 62 -21.59 -5.27 27.03
N GLU C 63 -22.51 -4.29 26.93
CA GLU C 63 -22.60 -3.17 27.86
C GLU C 63 -21.20 -2.52 27.97
N ASN C 64 -20.68 -2.36 29.18
CA ASN C 64 -19.37 -1.68 29.22
C ASN C 64 -18.13 -2.60 29.24
N TRP C 65 -18.28 -3.83 28.71
CA TRP C 65 -17.27 -4.90 28.81
C TRP C 65 -16.81 -5.44 27.45
N ARG C 66 -15.48 -5.53 27.31
CA ARG C 66 -14.81 -6.38 26.34
C ARG C 66 -14.58 -7.80 26.93
N LEU C 67 -15.02 -8.82 26.19
CA LEU C 67 -14.93 -10.23 26.64
C LEU C 67 -14.00 -11.07 25.74
N GLU C 68 -12.83 -11.45 26.27
CA GLU C 68 -11.87 -12.17 25.46
C GLU C 68 -11.83 -13.64 25.86
N VAL C 69 -11.93 -14.52 24.88
CA VAL C 69 -11.80 -15.94 25.17
C VAL C 69 -10.33 -16.29 25.40
N ILE C 70 -10.04 -16.78 26.61
CA ILE C 70 -8.64 -17.07 26.98
C ILE C 70 -8.32 -18.54 26.73
N ASP C 71 -9.30 -19.40 26.93
CA ASP C 71 -9.05 -20.83 26.81
C ASP C 71 -10.37 -21.56 26.66
N MSE C 72 -10.33 -22.65 25.89
CA MSE C 72 -11.51 -23.46 25.59
C MSE C 72 -11.42 -24.78 26.38
O MSE C 72 -10.32 -25.28 26.64
CB MSE C 72 -11.55 -23.82 24.10
CG MSE C 72 -11.85 -22.67 23.15
SE MSE C 72 -13.50 -21.72 23.50
CE MSE C 72 -14.82 -23.07 22.82
N ASP C 73 -12.58 -25.33 26.75
CA ASP C 73 -12.63 -26.72 27.25
C ASP C 73 -13.55 -27.44 26.26
N SER C 74 -12.96 -27.92 25.17
CA SER C 74 -13.74 -28.50 24.02
C SER C 74 -14.90 -27.58 23.59
N LYS C 75 -16.15 -28.03 23.80
CA LYS C 75 -17.30 -27.25 23.31
C LYS C 75 -17.61 -26.00 24.11
N ARG C 76 -16.98 -25.83 25.26
CA ARG C 76 -17.29 -24.67 26.09
C ARG C 76 -16.05 -23.83 26.33
N ILE C 77 -16.29 -22.57 26.65
CA ILE C 77 -15.24 -21.68 27.01
C ILE C 77 -14.79 -22.05 28.43
N ASP C 78 -13.49 -22.22 28.61
CA ASP C 78 -12.94 -22.45 29.93
C ASP C 78 -12.71 -21.17 30.75
N LYS C 79 -12.10 -20.14 30.15
CA LYS C 79 -11.72 -18.91 30.85
C LYS C 79 -11.95 -17.73 29.96
N VAL C 80 -12.43 -16.64 30.56
CA VAL C 80 -12.63 -15.36 29.89
C VAL C 80 -11.88 -14.22 30.64
N LEU C 81 -11.25 -13.31 29.90
CA LEU C 81 -10.82 -12.03 30.45
C LEU C 81 -11.85 -10.92 30.09
N ALA C 82 -12.48 -10.35 31.14
CA ALA C 82 -13.43 -9.21 31.01
C ALA C 82 -12.75 -7.92 31.44
N THR C 83 -12.75 -6.93 30.54
CA THR C 83 -12.12 -5.63 30.75
C THR C 83 -13.14 -4.53 30.44
N LYS C 84 -13.26 -3.61 31.40
CA LYS C 84 -14.17 -2.49 31.37
C LYS C 84 -13.71 -1.54 30.30
N ILE C 85 -14.60 -1.20 29.38
CA ILE C 85 -14.33 -0.21 28.35
C ILE C 85 -14.81 1.17 28.82
N ASP C 86 -13.95 2.18 28.69
CA ASP C 86 -14.33 3.59 28.89
C ASP C 86 -13.17 4.54 28.58
N SER D 1 33.16 35.66 -11.15
CA SER D 1 32.71 36.81 -12.00
C SER D 1 32.55 36.49 -13.50
N ASN D 2 33.26 35.47 -13.99
CA ASN D 2 33.32 35.21 -15.43
C ASN D 2 33.27 33.73 -15.92
N ALA D 3 33.62 33.54 -17.17
CA ALA D 3 33.28 32.35 -17.94
C ALA D 3 34.32 32.18 -19.04
N VAL D 4 34.92 31.01 -19.14
CA VAL D 4 35.82 30.70 -20.24
C VAL D 4 35.37 29.42 -20.91
N GLN D 5 35.47 29.41 -22.23
CA GLN D 5 35.05 28.25 -23.01
C GLN D 5 36.24 27.38 -23.34
N ARG D 6 36.08 26.08 -23.09
CA ARG D 6 37.10 25.13 -23.53
C ARG D 6 36.94 24.89 -25.02
N GLU D 7 37.98 24.39 -25.67
CA GLU D 7 37.95 24.09 -27.11
C GLU D 7 36.82 23.14 -27.51
N ASP D 8 36.40 22.25 -26.60
CA ASP D 8 35.31 21.32 -26.89
C ASP D 8 33.93 22.00 -26.76
N GLY D 9 33.95 23.28 -26.38
CA GLY D 9 32.75 24.11 -26.36
C GLY D 9 32.08 24.24 -25.01
N SER D 10 32.41 23.33 -24.07
CA SER D 10 31.92 23.45 -22.68
C SER D 10 32.46 24.71 -21.98
N TRP D 11 31.77 25.15 -20.94
CA TRP D 11 32.14 26.37 -20.23
C TRP D 11 32.58 26.09 -18.79
N LEU D 12 33.65 26.76 -18.36
CA LEU D 12 33.99 26.87 -16.95
C LEU D 12 33.51 28.23 -16.50
N LEU D 13 32.69 28.22 -15.48
CA LEU D 13 32.06 29.41 -14.93
C LEU D 13 32.43 29.60 -13.45
N ASP D 14 32.70 30.86 -13.09
CA ASP D 14 32.84 31.23 -11.69
C ASP D 14 31.46 30.96 -11.04
N GLY D 15 31.44 30.31 -9.86
CA GLY D 15 30.19 30.13 -9.20
C GLY D 15 29.53 31.46 -8.81
N LEU D 16 30.30 32.54 -8.78
CA LEU D 16 29.71 33.80 -8.36
C LEU D 16 29.27 34.62 -9.53
N ILE D 17 29.29 34.05 -10.73
CA ILE D 17 28.74 34.76 -11.91
C ILE D 17 27.27 35.04 -11.62
N ALA D 18 26.80 36.21 -12.02
CA ALA D 18 25.47 36.67 -11.68
C ALA D 18 24.53 36.24 -12.79
N VAL D 19 23.23 36.19 -12.47
CA VAL D 19 22.20 35.71 -13.38
C VAL D 19 22.19 36.31 -14.79
N PRO D 20 22.24 37.68 -14.94
CA PRO D 20 22.23 38.20 -16.32
C PRO D 20 23.39 37.67 -17.21
N GLU D 21 24.61 37.72 -16.71
CA GLU D 21 25.76 37.20 -17.45
C GLU D 21 25.65 35.67 -17.69
N LEU D 22 25.17 34.94 -16.68
CA LEU D 22 24.97 33.50 -16.81
C LEU D 22 24.02 33.15 -17.97
N LYS D 23 22.87 33.84 -18.02
CA LYS D 23 21.87 33.64 -19.09
C LYS D 23 22.45 33.95 -20.46
N ASP D 24 23.24 35.03 -20.51
CA ASP D 24 23.97 35.42 -21.70
C ASP D 24 24.98 34.38 -22.19
N THR D 25 25.82 33.93 -21.27
CA THR D 25 26.87 33.01 -21.59
C THR D 25 26.32 31.67 -22.11
N LEU D 26 25.30 31.13 -21.44
CA LEU D 26 24.76 29.81 -21.75
C LEU D 26 23.56 29.86 -22.69
N GLY D 27 23.12 31.06 -23.08
CA GLY D 27 21.94 31.20 -23.95
C GLY D 27 20.69 30.65 -23.29
N LEU D 28 20.53 30.90 -21.98
CA LEU D 28 19.33 30.41 -21.24
C LEU D 28 18.10 31.23 -21.56
N ARG D 29 16.95 30.58 -21.66
CA ARG D 29 15.68 31.27 -21.74
C ARG D 29 15.23 31.82 -20.37
N ALA D 30 15.62 31.12 -19.31
CA ALA D 30 15.15 31.40 -17.96
C ALA D 30 16.09 30.74 -16.94
N VAL D 31 15.86 31.08 -15.68
CA VAL D 31 16.49 30.42 -14.55
C VAL D 31 15.32 30.12 -13.61
N PRO D 32 15.44 29.08 -12.78
CA PRO D 32 14.29 28.77 -11.89
C PRO D 32 14.06 29.90 -10.90
N GLU D 33 12.80 30.11 -10.50
CA GLU D 33 12.45 31.15 -9.51
C GLU D 33 12.83 32.56 -9.93
N GLU D 34 12.78 32.84 -11.24
CA GLU D 34 13.40 34.06 -11.78
C GLU D 34 12.89 35.32 -11.06
N GLU D 35 13.83 36.23 -10.74
CA GLU D 35 13.77 37.10 -9.52
C GLU D 35 12.46 37.14 -8.69
N LYS D 36 12.38 36.12 -7.84
CA LYS D 36 11.64 36.15 -6.62
C LYS D 36 12.75 36.34 -5.60
N GLY D 37 13.92 36.71 -6.11
CA GLY D 37 15.10 37.00 -5.30
C GLY D 37 15.51 35.88 -4.36
N VAL D 38 15.47 34.64 -4.84
CA VAL D 38 15.90 33.47 -4.03
C VAL D 38 17.43 33.31 -4.02
N TYR D 39 18.04 33.57 -5.16
CA TYR D 39 19.50 33.51 -5.32
C TYR D 39 19.77 34.57 -6.40
N HIS D 40 21.04 34.86 -6.64
CA HIS D 40 21.44 35.74 -7.75
C HIS D 40 22.70 35.27 -8.46
N THR D 41 23.24 34.14 -8.05
CA THR D 41 24.46 33.68 -8.70
C THR D 41 24.27 32.27 -9.14
N LEU D 42 25.14 31.80 -10.03
CA LEU D 42 25.16 30.40 -10.43
C LEU D 42 25.26 29.42 -9.26
N SER D 43 26.12 29.73 -8.30
CA SER D 43 26.23 28.95 -7.08
C SER D 43 24.87 28.77 -6.38
N GLY D 44 24.20 29.92 -6.13
CA GLY D 44 22.89 29.96 -5.53
C GLY D 44 21.87 29.17 -6.36
N MSE D 45 21.99 29.21 -7.68
CA MSE D 45 21.08 28.48 -8.57
C MSE D 45 21.20 26.96 -8.42
O MSE D 45 20.21 26.24 -8.38
CB MSE D 45 21.32 28.85 -10.03
CG MSE D 45 20.30 28.25 -10.95
SE MSE D 45 20.46 28.76 -12.83
CE MSE D 45 21.45 27.24 -13.48
N ILE D 46 22.43 26.50 -8.30
CA ILE D 46 22.72 25.09 -8.18
C ILE D 46 22.31 24.62 -6.79
N MSE D 47 22.63 25.41 -5.77
CA MSE D 47 22.12 25.10 -4.43
C MSE D 47 20.56 24.93 -4.45
O MSE D 47 20.03 24.02 -3.80
CB MSE D 47 22.50 26.17 -3.42
CG MSE D 47 21.90 25.91 -2.03
SE MSE D 47 22.75 26.87 -0.56
CE MSE D 47 22.16 28.68 -1.00
N TRP D 48 19.86 25.82 -5.14
CA TRP D 48 18.41 25.74 -5.24
C TRP D 48 17.94 24.44 -5.91
N LEU D 49 18.59 24.08 -7.03
CA LEU D 49 18.22 22.86 -7.77
C LEU D 49 18.53 21.60 -6.96
N LEU D 50 19.62 21.58 -6.23
CA LEU D 50 19.93 20.42 -5.41
C LEU D 50 19.06 20.33 -4.15
N GLY D 51 18.49 21.47 -3.73
CA GLY D 51 17.71 21.53 -2.48
C GLY D 51 18.57 21.40 -1.23
N ARG D 52 19.88 21.63 -1.36
CA ARG D 52 20.78 21.50 -0.22
C ARG D 52 22.12 22.13 -0.58
N LEU D 53 23.03 22.16 0.39
CA LEU D 53 24.41 22.60 0.13
C LEU D 53 25.09 21.75 -0.94
N PRO D 54 25.63 22.41 -1.98
CA PRO D 54 26.35 21.67 -3.02
C PRO D 54 27.66 21.11 -2.49
N GLN D 55 28.15 20.07 -3.17
CA GLN D 55 29.46 19.49 -2.88
C GLN D 55 30.16 19.27 -4.23
N THR D 56 31.49 19.34 -4.18
CA THR D 56 32.33 19.04 -5.36
C THR D 56 32.06 17.62 -5.83
N GLY D 57 31.60 17.51 -7.08
CA GLY D 57 31.16 16.23 -7.60
C GLY D 57 29.68 16.20 -7.95
N ASP D 58 28.90 17.13 -7.39
CA ASP D 58 27.47 17.23 -7.67
C ASP D 58 27.20 17.64 -9.09
N ILE D 59 26.12 17.11 -9.63
CA ILE D 59 25.67 17.43 -10.98
C ILE D 59 24.22 17.85 -10.93
N THR D 60 23.89 18.92 -11.62
CA THR D 60 22.52 19.26 -11.79
C THR D 60 22.27 19.64 -13.26
N PHE D 61 21.01 19.91 -13.59
CA PHE D 61 20.53 20.03 -14.96
C PHE D 61 19.54 21.18 -15.09
N TRP D 62 19.66 21.91 -16.19
CA TRP D 62 18.77 23.02 -16.46
C TRP D 62 18.77 23.27 -17.96
N GLU D 63 17.58 23.27 -18.55
CA GLU D 63 17.44 23.46 -19.98
C GLU D 63 18.38 22.50 -20.73
N ASN D 64 19.20 23.00 -21.63
CA ASN D 64 20.05 22.04 -22.37
C ASN D 64 21.46 21.83 -21.75
N TRP D 65 21.59 22.13 -20.45
CA TRP D 65 22.92 22.10 -19.77
C TRP D 65 23.02 21.12 -18.61
N ARG D 66 24.13 20.39 -18.61
CA ARG D 66 24.57 19.67 -17.45
C ARG D 66 25.53 20.57 -16.68
N LEU D 67 25.31 20.72 -15.38
CA LEU D 67 26.11 21.61 -14.52
C LEU D 67 26.85 20.81 -13.44
N GLU D 68 28.16 20.73 -13.53
CA GLU D 68 28.94 19.97 -12.58
CA GLU D 68 28.96 19.97 -12.59
C GLU D 68 29.74 20.88 -11.66
N VAL D 69 29.67 20.60 -10.37
CA VAL D 69 30.41 21.36 -9.40
C VAL D 69 31.89 20.87 -9.40
N ILE D 70 32.78 21.79 -9.73
CA ILE D 70 34.20 21.48 -9.88
C ILE D 70 34.96 21.85 -8.61
N ASP D 71 34.59 22.95 -7.94
CA ASP D 71 35.29 23.34 -6.71
C ASP D 71 34.39 24.22 -5.85
N MSE D 72 34.66 24.23 -4.54
CA MSE D 72 33.88 24.97 -3.56
C MSE D 72 34.78 25.97 -2.91
O MSE D 72 35.95 25.70 -2.80
CB MSE D 72 33.42 24.07 -2.41
CG MSE D 72 32.56 22.89 -2.71
SE MSE D 72 30.82 23.35 -3.39
CE MSE D 72 29.96 24.36 -1.94
N ASP D 73 34.23 27.11 -2.47
CA ASP D 73 34.91 27.97 -1.48
C ASP D 73 34.02 27.97 -0.25
N SER D 74 34.31 27.08 0.68
CA SER D 74 33.47 26.83 1.86
C SER D 74 32.03 26.54 1.41
N LYS D 75 31.04 27.36 1.76
CA LYS D 75 29.65 27.05 1.40
C LYS D 75 29.23 27.37 -0.06
N ARG D 76 30.03 28.12 -0.78
CA ARG D 76 29.61 28.54 -2.08
C ARG D 76 30.44 27.84 -3.11
N ILE D 77 29.82 27.61 -4.26
CA ILE D 77 30.53 27.03 -5.41
C ILE D 77 31.53 28.03 -5.99
N ASP D 78 32.73 27.56 -6.23
CA ASP D 78 33.78 28.40 -6.80
C ASP D 78 33.82 28.24 -8.31
N LYS D 79 33.62 27.01 -8.79
CA LYS D 79 33.81 26.69 -10.21
C LYS D 79 32.85 25.62 -10.65
N VAL D 80 32.20 25.85 -11.80
CA VAL D 80 31.25 24.93 -12.41
C VAL D 80 31.69 24.59 -13.82
N LEU D 81 31.49 23.34 -14.24
CA LEU D 81 31.66 22.99 -15.63
C LEU D 81 30.28 22.78 -16.26
N ALA D 82 29.97 23.58 -17.29
CA ALA D 82 28.68 23.47 -17.99
C ALA D 82 28.86 22.86 -19.35
N THR D 83 28.09 21.83 -19.64
CA THR D 83 28.20 21.08 -20.90
C THR D 83 26.82 20.91 -21.49
N LYS D 84 26.70 21.33 -22.75
CA LYS D 84 25.48 21.21 -23.53
C LYS D 84 25.13 19.75 -23.76
N ILE D 85 23.91 19.35 -23.39
CA ILE D 85 23.51 17.93 -23.53
C ILE D 85 23.14 17.51 -24.97
N SER E 1 -3.97 11.32 -23.52
CA SER E 1 -3.59 12.62 -24.17
C SER E 1 -2.28 12.47 -24.94
N ASN E 2 -2.04 13.33 -25.90
CA ASN E 2 -1.18 12.95 -26.97
C ASN E 2 0.31 12.70 -26.62
N ALA E 3 1.02 12.22 -27.63
CA ALA E 3 2.35 11.66 -27.59
C ALA E 3 2.67 11.63 -29.05
N VAL E 4 3.38 12.63 -29.52
CA VAL E 4 3.93 12.60 -30.83
C VAL E 4 5.38 12.17 -30.78
N GLN E 5 5.71 11.13 -31.51
CA GLN E 5 7.11 10.74 -31.65
C GLN E 5 7.77 11.61 -32.72
N ARG E 6 9.00 12.03 -32.44
CA ARG E 6 9.74 12.90 -33.33
C ARG E 6 10.67 12.06 -34.20
N GLU E 7 10.99 12.57 -35.39
CA GLU E 7 11.91 11.92 -36.33
C GLU E 7 13.04 11.10 -35.68
N ASP E 8 13.72 11.72 -34.72
CA ASP E 8 14.90 11.14 -34.08
C ASP E 8 14.58 10.21 -32.92
N GLY E 9 13.29 9.84 -32.81
CA GLY E 9 12.83 8.89 -31.80
C GLY E 9 12.42 9.46 -30.45
N SER E 10 12.59 10.77 -30.24
CA SER E 10 12.14 11.37 -28.98
C SER E 10 10.64 11.65 -29.01
N TRP E 11 10.06 11.83 -27.83
CA TRP E 11 8.62 12.00 -27.70
C TRP E 11 8.28 13.35 -27.14
N LEU E 12 7.26 13.97 -27.73
CA LEU E 12 6.66 15.17 -27.21
C LEU E 12 5.33 14.77 -26.58
N LEU E 13 5.29 14.87 -25.25
CA LEU E 13 4.18 14.33 -24.47
C LEU E 13 3.34 15.48 -23.87
N ASP E 14 2.02 15.35 -23.90
CA ASP E 14 1.16 16.18 -23.04
C ASP E 14 1.40 15.83 -21.57
N GLY E 15 1.57 16.85 -20.71
CA GLY E 15 1.78 16.61 -19.27
C GLY E 15 0.60 15.91 -18.60
N LEU E 16 -0.57 16.03 -19.22
CA LEU E 16 -1.77 15.43 -18.70
C LEU E 16 -2.09 14.02 -19.24
N ILE E 17 -1.18 13.44 -20.02
CA ILE E 17 -1.23 12.04 -20.36
C ILE E 17 -1.30 11.19 -19.07
N ALA E 18 -2.24 10.26 -19.01
CA ALA E 18 -2.43 9.38 -17.87
C ALA E 18 -1.34 8.28 -17.83
N VAL E 19 -1.14 7.71 -16.65
CA VAL E 19 -0.09 6.70 -16.41
C VAL E 19 -0.12 5.47 -17.38
N PRO E 20 -1.28 4.77 -17.54
CA PRO E 20 -1.27 3.60 -18.42
C PRO E 20 -0.79 3.91 -19.85
N GLU E 21 -1.28 4.99 -20.43
CA GLU E 21 -0.87 5.41 -21.74
C GLU E 21 0.62 5.81 -21.74
N LEU E 22 1.05 6.47 -20.68
CA LEU E 22 2.46 6.84 -20.54
C LEU E 22 3.36 5.61 -20.50
N LYS E 23 3.03 4.66 -19.62
CA LYS E 23 3.79 3.41 -19.50
C LYS E 23 3.87 2.71 -20.86
N ASP E 24 2.75 2.71 -21.58
CA ASP E 24 2.64 2.17 -22.94
C ASP E 24 3.56 2.85 -23.94
N THR E 25 3.49 4.17 -23.98
CA THR E 25 4.22 5.02 -24.93
C THR E 25 5.72 4.88 -24.80
N LEU E 26 6.21 4.99 -23.57
CA LEU E 26 7.63 4.96 -23.33
C LEU E 26 8.13 3.55 -22.99
N GLY E 27 7.22 2.57 -22.97
CA GLY E 27 7.60 1.21 -22.62
C GLY E 27 8.14 1.05 -21.20
N LEU E 28 7.57 1.73 -20.22
CA LEU E 28 8.07 1.68 -18.84
C LEU E 28 7.69 0.38 -18.13
N ARG E 29 8.56 -0.10 -17.26
CA ARG E 29 8.26 -1.29 -16.46
CA ARG E 29 8.23 -1.28 -16.46
C ARG E 29 7.39 -0.89 -15.27
N ALA E 30 7.77 0.25 -14.65
CA ALA E 30 7.09 0.82 -13.51
C ALA E 30 7.09 2.35 -13.58
N VAL E 31 6.36 2.97 -12.66
CA VAL E 31 6.47 4.40 -12.41
C VAL E 31 6.70 4.51 -10.90
N PRO E 32 7.29 5.61 -10.44
CA PRO E 32 7.50 5.68 -8.98
C PRO E 32 6.19 5.70 -8.16
N GLU E 33 6.24 5.19 -6.92
CA GLU E 33 5.07 5.19 -6.03
C GLU E 33 3.85 4.47 -6.64
N GLU E 34 4.10 3.45 -7.45
CA GLU E 34 3.04 2.88 -8.29
C GLU E 34 1.92 2.23 -7.48
N GLU E 35 0.67 2.49 -7.88
CA GLU E 35 -0.47 1.89 -7.17
C GLU E 35 -0.74 2.50 -5.79
N LYS E 36 -0.03 3.58 -5.48
CA LYS E 36 -0.28 4.34 -4.24
C LYS E 36 -1.23 5.53 -4.48
N GLY E 37 -1.59 5.79 -5.73
CA GLY E 37 -2.44 6.90 -6.08
C GLY E 37 -1.95 8.24 -5.59
N VAL E 38 -0.62 8.45 -5.62
CA VAL E 38 -0.01 9.74 -5.30
C VAL E 38 -0.26 10.76 -6.44
N TYR E 39 -0.30 10.30 -7.69
CA TYR E 39 -0.46 11.19 -8.84
C TYR E 39 -1.04 10.31 -9.94
N HIS E 40 -1.56 10.94 -11.00
CA HIS E 40 -2.22 10.20 -12.06
C HIS E 40 -1.83 10.66 -13.45
N THR E 41 -0.91 11.60 -13.55
CA THR E 41 -0.51 12.07 -14.86
C THR E 41 0.99 12.16 -14.84
N LEU E 42 1.56 12.28 -16.04
CA LEU E 42 2.98 12.49 -16.22
C LEU E 42 3.42 13.73 -15.45
N SER E 43 2.61 14.78 -15.51
CA SER E 43 2.88 16.02 -14.83
C SER E 43 3.10 15.81 -13.32
N GLY E 44 2.12 15.15 -12.67
CA GLY E 44 2.23 14.76 -11.28
C GLY E 44 3.42 13.85 -11.05
N MSE E 45 3.78 13.02 -12.05
CA MSE E 45 4.97 12.15 -11.88
C MSE E 45 6.28 12.94 -11.70
O MSE E 45 7.08 12.66 -10.82
CB MSE E 45 5.11 11.15 -13.01
CG MSE E 45 6.10 9.97 -12.68
SE MSE E 45 6.35 8.67 -14.14
CE MSE E 45 7.69 9.59 -15.18
N ILE E 46 6.48 13.92 -12.57
CA ILE E 46 7.68 14.75 -12.59
C ILE E 46 7.73 15.65 -11.34
N MSE E 47 6.59 16.13 -10.91
CA MSE E 47 6.50 16.86 -9.66
C MSE E 47 6.93 15.95 -8.49
O MSE E 47 7.62 16.40 -7.60
CB MSE E 47 5.08 17.41 -9.42
CG MSE E 47 4.96 18.28 -8.16
SE MSE E 47 3.38 19.38 -8.05
CE MSE E 47 2.16 17.98 -7.52
N TRP E 48 6.45 14.71 -8.47
CA TRP E 48 6.89 13.76 -7.43
C TRP E 48 8.43 13.55 -7.44
N LEU E 49 9.00 13.28 -8.62
CA LEU E 49 10.44 13.11 -8.78
C LEU E 49 11.29 14.36 -8.41
N LEU E 50 10.79 15.55 -8.69
CA LEU E 50 11.50 16.77 -8.36
C LEU E 50 11.27 17.16 -6.93
N GLY E 51 10.17 16.68 -6.34
CA GLY E 51 9.83 16.93 -4.95
C GLY E 51 9.38 18.36 -4.71
N ARG E 52 8.89 19.02 -5.76
CA ARG E 52 8.49 20.45 -5.76
C ARG E 52 7.76 20.73 -7.05
N LEU E 53 7.05 21.85 -7.13
CA LEU E 53 6.48 22.32 -8.39
C LEU E 53 7.57 22.36 -9.50
N PRO E 54 7.30 21.70 -10.65
CA PRO E 54 8.24 21.82 -11.77
C PRO E 54 8.18 23.23 -12.36
N GLN E 55 9.26 23.58 -13.03
CA GLN E 55 9.38 24.83 -13.78
C GLN E 55 9.90 24.49 -15.17
N THR E 56 9.54 25.31 -16.14
CA THR E 56 10.04 25.16 -17.50
C THR E 56 11.58 25.20 -17.52
N GLY E 57 12.19 24.12 -17.99
CA GLY E 57 13.63 23.98 -17.96
C GLY E 57 14.10 22.84 -17.07
N ASP E 58 13.25 22.40 -16.16
CA ASP E 58 13.59 21.27 -15.28
C ASP E 58 13.80 19.99 -16.06
N ILE E 59 14.76 19.20 -15.60
CA ILE E 59 15.04 17.88 -16.15
C ILE E 59 14.96 16.84 -15.04
N THR E 60 14.24 15.77 -15.33
CA THR E 60 14.25 14.63 -14.43
C THR E 60 14.45 13.34 -15.21
N PHE E 61 14.59 12.24 -14.48
CA PHE E 61 15.06 10.98 -15.01
C PHE E 61 14.29 9.83 -14.41
N TRP E 62 13.97 8.85 -15.26
CA TRP E 62 13.26 7.67 -14.82
C TRP E 62 13.49 6.56 -15.83
N GLU E 63 13.96 5.40 -15.34
CA GLU E 63 14.28 4.25 -16.19
C GLU E 63 15.17 4.63 -17.36
N ASN E 64 14.69 4.49 -18.58
CA ASN E 64 15.55 4.80 -19.73
C ASN E 64 15.51 6.24 -20.19
N TRP E 65 14.80 7.10 -19.46
CA TRP E 65 14.35 8.35 -20.04
C TRP E 65 14.79 9.62 -19.30
N ARG E 66 15.20 10.58 -20.13
CA ARG E 66 15.41 11.97 -19.72
CA ARG E 66 15.42 11.96 -19.74
C ARG E 66 14.12 12.70 -20.02
N LEU E 67 13.58 13.39 -19.01
CA LEU E 67 12.32 14.07 -19.16
C LEU E 67 12.49 15.55 -18.97
N GLU E 68 12.24 16.31 -20.02
CA GLU E 68 12.53 17.73 -19.97
C GLU E 68 11.24 18.50 -19.94
N VAL E 69 11.10 19.37 -18.95
CA VAL E 69 9.92 20.27 -18.93
C VAL E 69 10.03 21.42 -19.97
N ILE E 70 9.18 21.33 -20.98
CA ILE E 70 9.19 22.22 -22.15
C ILE E 70 8.19 23.42 -22.03
N ASP E 71 7.07 23.21 -21.34
CA ASP E 71 6.10 24.26 -21.09
C ASP E 71 5.19 23.94 -19.91
N MSE E 72 4.77 24.98 -19.19
CA MSE E 72 3.86 24.87 -18.05
C MSE E 72 2.51 25.40 -18.45
O MSE E 72 2.39 26.32 -19.28
CB MSE E 72 4.32 25.74 -16.84
CG MSE E 72 5.65 25.38 -16.20
SE MSE E 72 5.76 23.59 -15.44
CE MSE E 72 4.53 23.72 -13.90
N ASP E 73 1.48 24.83 -17.84
CA ASP E 73 0.14 25.39 -17.85
C ASP E 73 -0.14 25.71 -16.39
N SER E 74 0.32 26.87 -15.94
CA SER E 74 0.25 27.28 -14.53
C SER E 74 0.84 26.28 -13.57
N LYS E 75 0.02 25.70 -12.70
CA LYS E 75 0.50 24.72 -11.73
C LYS E 75 0.76 23.32 -12.32
N ARG E 76 0.50 23.14 -13.61
CA ARG E 76 0.80 21.85 -14.21
C ARG E 76 1.65 21.97 -15.46
N ILE E 77 2.35 20.88 -15.75
CA ILE E 77 3.18 20.79 -16.92
C ILE E 77 2.29 20.62 -18.15
N ASP E 78 2.56 21.44 -19.18
CA ASP E 78 1.79 21.36 -20.44
C ASP E 78 2.42 20.35 -21.39
N LYS E 79 3.76 20.39 -21.49
CA LYS E 79 4.53 19.57 -22.46
C LYS E 79 5.82 19.10 -21.85
N VAL E 80 6.18 17.87 -22.19
CA VAL E 80 7.45 17.20 -21.81
C VAL E 80 8.10 16.61 -23.06
N LEU E 81 9.44 16.75 -23.14
CA LEU E 81 10.26 16.05 -24.12
C LEU E 81 10.92 14.84 -23.42
N ALA E 82 10.68 13.66 -23.97
CA ALA E 82 11.21 12.42 -23.43
C ALA E 82 12.26 11.92 -24.38
N THR E 83 13.47 11.75 -23.88
CA THR E 83 14.54 11.27 -24.73
C THR E 83 15.19 10.07 -24.07
N LYS E 84 15.41 9.02 -24.84
CA LYS E 84 16.00 7.81 -24.28
C LYS E 84 17.48 8.02 -23.92
N ILE E 85 17.78 7.68 -22.68
CA ILE E 85 19.14 7.65 -22.15
C ILE E 85 19.84 6.41 -22.69
N SER F 1 29.43 -6.97 -2.12
CA SER F 1 30.62 -6.07 -2.19
C SER F 1 31.43 -6.34 -3.47
N ASN F 2 30.76 -6.14 -4.61
CA ASN F 2 31.12 -6.74 -5.89
C ASN F 2 30.84 -5.84 -7.12
N ALA F 3 31.55 -6.10 -8.21
CA ALA F 3 31.68 -5.18 -9.33
C ALA F 3 32.05 -6.00 -10.55
N VAL F 4 31.20 -5.96 -11.58
CA VAL F 4 31.50 -6.62 -12.83
C VAL F 4 31.30 -5.66 -13.99
N GLN F 5 32.25 -5.63 -14.90
CA GLN F 5 32.20 -4.65 -15.99
C GLN F 5 31.57 -5.30 -17.23
N ARG F 6 30.58 -4.61 -17.79
CA ARG F 6 30.08 -4.86 -19.16
C ARG F 6 31.12 -4.55 -20.23
N GLU F 7 30.97 -5.16 -21.40
CA GLU F 7 31.93 -4.93 -22.50
C GLU F 7 31.96 -3.46 -22.95
N ASP F 8 30.80 -2.79 -22.90
CA ASP F 8 30.70 -1.38 -23.24
C ASP F 8 31.39 -0.45 -22.22
N GLY F 9 31.95 -1.03 -21.16
CA GLY F 9 32.72 -0.24 -20.20
C GLY F 9 31.97 0.08 -18.91
N SER F 10 30.64 -0.03 -18.94
CA SER F 10 29.82 0.28 -17.74
C SER F 10 29.91 -0.79 -16.66
N TRP F 11 29.50 -0.46 -15.43
CA TRP F 11 29.72 -1.34 -14.27
C TRP F 11 28.43 -1.76 -13.61
N LEU F 12 28.29 -3.05 -13.41
CA LEU F 12 27.30 -3.60 -12.52
C LEU F 12 27.81 -3.76 -11.13
N LEU F 13 27.19 -3.08 -10.20
CA LEU F 13 27.70 -2.95 -8.84
C LEU F 13 26.69 -3.45 -7.85
N ASP F 14 27.14 -4.22 -6.87
CA ASP F 14 26.27 -4.60 -5.77
C ASP F 14 25.96 -3.36 -4.91
N GLY F 15 24.70 -3.21 -4.50
CA GLY F 15 24.35 -2.07 -3.66
C GLY F 15 25.17 -1.99 -2.38
N LEU F 16 25.59 -3.14 -1.87
CA LEU F 16 26.38 -3.17 -0.64
C LEU F 16 27.88 -3.06 -0.79
N ILE F 17 28.36 -2.80 -1.99
CA ILE F 17 29.75 -2.48 -2.18
C ILE F 17 30.11 -1.33 -1.26
N ALA F 18 31.22 -1.50 -0.53
CA ALA F 18 31.66 -0.51 0.46
C ALA F 18 32.35 0.65 -0.24
N VAL F 19 32.42 1.79 0.44
CA VAL F 19 33.08 2.99 -0.08
C VAL F 19 34.53 2.86 -0.61
N PRO F 20 35.49 2.25 0.16
CA PRO F 20 36.84 2.11 -0.43
C PRO F 20 36.85 1.39 -1.79
N GLU F 21 36.17 0.27 -1.87
CA GLU F 21 36.09 -0.48 -3.11
C GLU F 21 35.35 0.29 -4.22
N LEU F 22 34.31 1.04 -3.87
CA LEU F 22 33.54 1.86 -4.82
C LEU F 22 34.40 2.96 -5.48
N LYS F 23 35.14 3.68 -4.64
CA LYS F 23 36.06 4.71 -5.12
C LYS F 23 37.11 4.11 -6.04
N ASP F 24 37.65 2.96 -5.65
CA ASP F 24 38.68 2.26 -6.42
C ASP F 24 38.14 1.88 -7.80
N THR F 25 36.98 1.20 -7.78
CA THR F 25 36.30 0.73 -8.98
C THR F 25 35.93 1.82 -9.99
N LEU F 26 35.29 2.89 -9.51
CA LEU F 26 34.87 4.00 -10.35
C LEU F 26 35.90 5.10 -10.51
N GLY F 27 37.06 4.97 -9.87
CA GLY F 27 38.05 6.03 -9.86
C GLY F 27 37.52 7.32 -9.27
N LEU F 28 36.75 7.25 -8.18
CA LEU F 28 36.16 8.48 -7.58
C LEU F 28 37.19 9.28 -6.81
N ARG F 29 37.14 10.61 -6.92
CA ARG F 29 38.04 11.44 -6.11
CA ARG F 29 38.03 11.48 -6.12
C ARG F 29 37.42 11.54 -4.72
N ALA F 30 36.09 11.57 -4.63
CA ALA F 30 35.40 11.68 -3.35
C ALA F 30 34.02 11.06 -3.43
N VAL F 31 33.34 11.03 -2.27
CA VAL F 31 31.92 10.70 -2.18
C VAL F 31 31.26 11.79 -1.34
N PRO F 32 29.92 11.98 -1.47
CA PRO F 32 29.27 13.00 -0.62
C PRO F 32 29.39 12.70 0.91
N GLU F 33 29.55 13.75 1.72
CA GLU F 33 29.56 13.58 3.19
C GLU F 33 30.71 12.68 3.65
N GLU F 34 31.78 12.64 2.88
CA GLU F 34 32.97 11.85 3.20
C GLU F 34 33.43 12.09 4.61
N GLU F 35 33.72 11.01 5.32
CA GLU F 35 34.14 11.10 6.72
C GLU F 35 33.13 11.73 7.68
N LYS F 36 31.86 11.77 7.31
CA LYS F 36 30.81 12.16 8.27
C LYS F 36 30.11 10.93 8.84
N GLY F 37 30.40 9.76 8.28
CA GLY F 37 29.81 8.49 8.71
C GLY F 37 28.30 8.39 8.53
N VAL F 38 27.79 8.96 7.44
CA VAL F 38 26.35 8.98 7.14
C VAL F 38 25.85 7.64 6.55
N TYR F 39 26.69 7.02 5.73
CA TYR F 39 26.40 5.82 4.98
C TYR F 39 27.77 5.13 4.73
N HIS F 40 27.74 3.87 4.29
CA HIS F 40 28.97 3.09 4.18
C HIS F 40 28.95 2.28 2.92
N THR F 41 27.84 2.35 2.18
CA THR F 41 27.70 1.55 0.98
C THR F 41 27.22 2.43 -0.16
N LEU F 42 27.35 1.92 -1.39
CA LEU F 42 26.77 2.57 -2.58
C LEU F 42 25.26 2.77 -2.44
N SER F 43 24.60 1.78 -1.85
CA SER F 43 23.16 1.89 -1.62
C SER F 43 22.87 3.15 -0.80
N GLY F 44 23.56 3.32 0.33
CA GLY F 44 23.32 4.45 1.23
C GLY F 44 23.72 5.77 0.57
N MSE F 45 24.76 5.74 -0.26
CA MSE F 45 25.17 6.93 -1.02
C MSE F 45 24.09 7.40 -1.98
O MSE F 45 23.83 8.61 -2.09
CB MSE F 45 26.43 6.66 -1.81
CG MSE F 45 26.96 7.90 -2.47
SE MSE F 45 28.63 7.56 -3.51
CE MSE F 45 27.84 7.47 -5.28
N ILE F 46 23.50 6.46 -2.72
CA ILE F 46 22.41 6.77 -3.66
C ILE F 46 21.16 7.24 -2.91
N MSE F 47 20.81 6.58 -1.81
CA MSE F 47 19.73 7.13 -0.96
C MSE F 47 20.04 8.55 -0.47
O MSE F 47 19.12 9.41 -0.43
CB MSE F 47 19.40 6.18 0.20
CG MSE F 47 18.45 6.75 1.23
SE MSE F 47 17.74 5.35 2.39
CE MSE F 47 19.35 4.98 3.43
N TRP F 48 21.31 8.82 -0.11
CA TRP F 48 21.68 10.18 0.33
C TRP F 48 21.47 11.17 -0.83
N LEU F 49 21.96 10.84 -2.01
CA LEU F 49 21.85 11.73 -3.16
C LEU F 49 20.41 11.97 -3.58
N LEU F 50 19.57 10.91 -3.51
CA LEU F 50 18.14 11.07 -3.91
C LEU F 50 17.28 11.79 -2.87
N GLY F 51 17.72 11.73 -1.62
CA GLY F 51 17.05 12.36 -0.49
C GLY F 51 15.86 11.57 0.03
N ARG F 52 15.78 10.29 -0.31
CA ARG F 52 14.60 9.49 -0.01
C ARG F 52 14.96 8.06 -0.36
N LEU F 53 14.08 7.13 0.01
CA LEU F 53 14.24 5.74 -0.41
C LEU F 53 14.29 5.64 -1.95
N PRO F 54 15.33 4.99 -2.47
CA PRO F 54 15.46 4.70 -3.90
C PRO F 54 14.42 3.70 -4.36
N GLN F 55 14.06 3.82 -5.64
CA GLN F 55 13.14 2.88 -6.28
C GLN F 55 13.82 2.41 -7.55
N THR F 56 13.53 1.18 -7.96
CA THR F 56 14.05 0.64 -9.21
C THR F 56 13.58 1.52 -10.34
N GLY F 57 14.50 2.04 -11.13
CA GLY F 57 14.23 3.08 -12.13
C GLY F 57 14.84 4.44 -11.80
N ASP F 58 15.16 4.67 -10.53
CA ASP F 58 15.75 5.93 -10.16
C ASP F 58 17.16 6.08 -10.76
N ILE F 59 17.52 7.32 -11.07
CA ILE F 59 18.81 7.66 -11.64
C ILE F 59 19.36 8.79 -10.81
N THR F 60 20.62 8.69 -10.39
CA THR F 60 21.30 9.81 -9.75
C THR F 60 22.73 9.98 -10.34
N PHE F 61 23.48 10.98 -9.87
CA PHE F 61 24.72 11.42 -10.54
C PHE F 61 25.74 11.86 -9.54
N TRP F 62 26.99 11.51 -9.83
CA TRP F 62 28.10 11.87 -8.98
C TRP F 62 29.38 11.81 -9.80
N GLU F 63 30.13 12.91 -9.78
CA GLU F 63 31.41 13.05 -10.51
C GLU F 63 31.19 12.67 -11.96
N ASN F 64 31.88 11.67 -12.47
CA ASN F 64 31.67 11.39 -13.91
CA ASN F 64 31.78 11.27 -13.88
C ASN F 64 30.67 10.24 -14.20
N TRP F 65 29.84 9.90 -13.21
CA TRP F 65 28.98 8.71 -13.30
C TRP F 65 27.46 8.97 -13.21
N ARG F 66 26.72 8.31 -14.11
CA ARG F 66 25.27 8.16 -13.97
C ARG F 66 25.06 6.86 -13.20
N LEU F 67 24.18 6.89 -12.22
CA LEU F 67 23.99 5.74 -11.37
C LEU F 67 22.53 5.30 -11.41
N GLU F 68 22.25 4.11 -11.96
CA GLU F 68 20.88 3.64 -12.12
C GLU F 68 20.57 2.50 -11.18
N VAL F 69 19.44 2.61 -10.48
CA VAL F 69 18.94 1.55 -9.62
C VAL F 69 18.29 0.47 -10.48
N ILE F 70 18.92 -0.71 -10.49
CA ILE F 70 18.48 -1.88 -11.27
C ILE F 70 17.58 -2.76 -10.43
N ASP F 71 17.82 -2.82 -9.11
CA ASP F 71 17.01 -3.70 -8.25
C ASP F 71 17.11 -3.31 -6.80
N MSE F 72 16.02 -3.59 -6.09
CA MSE F 72 15.93 -3.34 -4.64
C MSE F 72 16.00 -4.65 -3.89
O MSE F 72 15.45 -5.65 -4.32
CB MSE F 72 14.61 -2.62 -4.25
CG MSE F 72 14.42 -1.23 -4.82
SE MSE F 72 15.92 0.02 -4.35
CE MSE F 72 15.47 0.33 -2.45
N ASP F 73 16.66 -4.65 -2.75
CA ASP F 73 16.49 -5.71 -1.74
C ASP F 73 15.79 -5.08 -0.51
N SER F 74 14.44 -5.06 -0.53
CA SER F 74 13.59 -4.32 0.43
C SER F 74 14.08 -2.91 0.62
N LYS F 75 14.57 -2.58 1.82
CA LYS F 75 15.01 -1.18 2.16
C LYS F 75 16.31 -0.70 1.53
N ARG F 76 17.02 -1.59 0.88
CA ARG F 76 18.31 -1.20 0.30
C ARG F 76 18.39 -1.56 -1.16
N ILE F 77 19.32 -0.95 -1.87
CA ILE F 77 19.55 -1.25 -3.29
C ILE F 77 20.31 -2.56 -3.44
N ASP F 78 19.85 -3.40 -4.37
CA ASP F 78 20.50 -4.68 -4.67
C ASP F 78 21.59 -4.51 -5.74
N LYS F 79 21.28 -3.81 -6.82
CA LYS F 79 22.18 -3.68 -7.98
C LYS F 79 22.05 -2.30 -8.57
N VAL F 80 23.20 -1.76 -8.94
CA VAL F 80 23.33 -0.50 -9.62
C VAL F 80 24.07 -0.70 -10.96
N LEU F 81 23.63 0.01 -11.98
CA LEU F 81 24.39 0.22 -13.19
C LEU F 81 25.05 1.62 -13.20
N ALA F 82 26.39 1.65 -13.24
CA ALA F 82 27.16 2.91 -13.24
C ALA F 82 27.79 3.15 -14.60
N THR F 83 27.42 4.23 -15.27
CA THR F 83 27.90 4.51 -16.63
C THR F 83 28.63 5.85 -16.63
N LYS F 84 29.80 5.88 -17.24
CA LYS F 84 30.56 7.12 -17.39
C LYS F 84 29.83 8.13 -18.32
N ILE F 85 29.54 9.32 -17.82
CA ILE F 85 29.04 10.40 -18.66
C ILE F 85 30.26 10.94 -19.40
N SER G 1 6.95 -7.76 -24.84
CA SER G 1 8.10 -6.93 -24.37
C SER G 1 7.98 -6.57 -22.88
N ASN G 2 6.86 -6.94 -22.28
CA ASN G 2 6.56 -6.62 -20.89
C ASN G 2 7.46 -7.44 -19.92
N ALA G 3 7.63 -6.89 -18.73
CA ALA G 3 8.28 -7.54 -17.62
C ALA G 3 7.46 -7.21 -16.38
N VAL G 4 6.97 -8.25 -15.69
CA VAL G 4 6.19 -8.08 -14.45
C VAL G 4 6.87 -8.81 -13.28
N GLN G 5 7.12 -8.10 -12.19
CA GLN G 5 7.84 -8.65 -11.05
C GLN G 5 6.90 -9.29 -10.05
N ARG G 6 7.22 -10.50 -9.63
CA ARG G 6 6.41 -11.17 -8.62
C ARG G 6 6.82 -10.74 -7.22
N GLU G 7 5.99 -11.07 -6.24
CA GLU G 7 6.21 -10.58 -4.87
C GLU G 7 7.55 -11.08 -4.33
N ASP G 8 7.95 -12.28 -4.74
CA ASP G 8 9.22 -12.87 -4.31
C ASP G 8 10.48 -12.26 -4.96
N GLY G 9 10.28 -11.33 -5.90
CA GLY G 9 11.40 -10.66 -6.57
C GLY G 9 11.67 -11.18 -7.97
N SER G 10 11.18 -12.37 -8.29
CA SER G 10 11.33 -12.98 -9.63
C SER G 10 10.47 -12.30 -10.68
N TRP G 11 10.80 -12.56 -11.94
CA TRP G 11 10.22 -11.86 -13.07
C TRP G 11 9.43 -12.79 -14.01
N LEU G 12 8.26 -12.31 -14.41
CA LEU G 12 7.47 -12.87 -15.48
C LEU G 12 7.83 -12.08 -16.74
N LEU G 13 8.52 -12.71 -17.68
CA LEU G 13 9.04 -12.04 -18.87
C LEU G 13 8.39 -12.51 -20.17
N ASP G 14 7.95 -11.57 -21.01
CA ASP G 14 7.41 -11.90 -22.35
C ASP G 14 8.58 -12.41 -23.19
N GLY G 15 8.35 -13.44 -24.02
CA GLY G 15 9.40 -13.99 -24.89
C GLY G 15 9.87 -13.02 -25.94
N LEU G 16 9.07 -11.97 -26.17
CA LEU G 16 9.40 -10.90 -27.09
C LEU G 16 10.24 -9.76 -26.50
N ILE G 17 10.58 -9.82 -25.23
CA ILE G 17 11.38 -8.77 -24.65
C ILE G 17 12.71 -8.71 -25.43
N ALA G 18 13.11 -7.52 -25.87
CA ALA G 18 14.38 -7.32 -26.59
C ALA G 18 15.60 -7.42 -25.65
N VAL G 19 16.78 -7.68 -26.22
CA VAL G 19 18.02 -7.87 -25.43
C VAL G 19 18.42 -6.70 -24.51
N PRO G 20 18.41 -5.43 -25.01
CA PRO G 20 18.68 -4.29 -24.10
C PRO G 20 17.77 -4.23 -22.87
N GLU G 21 16.46 -4.41 -23.09
CA GLU G 21 15.49 -4.46 -22.00
C GLU G 21 15.73 -5.64 -21.07
N LEU G 22 15.91 -6.83 -21.61
CA LEU G 22 16.24 -7.99 -20.77
C LEU G 22 17.45 -7.74 -19.84
N LYS G 23 18.50 -7.19 -20.43
CA LYS G 23 19.76 -6.95 -19.73
C LYS G 23 19.57 -5.98 -18.59
N ASP G 24 18.79 -4.95 -18.84
CA ASP G 24 18.58 -3.96 -17.80
C ASP G 24 17.59 -4.42 -16.75
N THR G 25 16.62 -5.26 -17.13
CA THR G 25 15.68 -5.75 -16.13
C THR G 25 16.27 -6.80 -15.19
N LEU G 26 17.10 -7.67 -15.74
CA LEU G 26 17.76 -8.72 -14.99
C LEU G 26 19.16 -8.35 -14.49
N GLY G 27 19.68 -7.19 -14.87
CA GLY G 27 21.03 -6.76 -14.46
C GLY G 27 22.11 -7.67 -15.03
N LEU G 28 21.96 -8.05 -16.30
CA LEU G 28 22.90 -8.96 -16.99
C LEU G 28 24.16 -8.23 -17.46
N ARG G 29 25.31 -8.88 -17.27
CA ARG G 29 26.56 -8.33 -17.78
C ARG G 29 26.60 -8.48 -19.29
N ALA G 30 26.15 -9.62 -19.76
CA ALA G 30 26.15 -9.97 -21.17
C ALA G 30 25.01 -10.95 -21.49
N VAL G 31 24.81 -11.19 -22.79
CA VAL G 31 23.96 -12.27 -23.33
C VAL G 31 24.83 -13.15 -24.28
N PRO G 32 24.41 -14.42 -24.53
CA PRO G 32 25.26 -15.27 -25.38
C PRO G 32 25.41 -14.68 -26.79
N GLU G 33 26.62 -14.73 -27.38
CA GLU G 33 26.76 -14.34 -28.79
C GLU G 33 26.38 -12.89 -29.05
N GLU G 34 26.74 -11.97 -28.16
CA GLU G 34 26.20 -10.63 -28.25
C GLU G 34 26.81 -9.83 -29.40
N GLU G 35 25.99 -8.97 -30.01
CA GLU G 35 26.42 -8.03 -31.06
C GLU G 35 26.85 -8.73 -32.35
N LYS G 36 26.46 -9.99 -32.47
CA LYS G 36 26.58 -10.72 -33.74
C LYS G 36 25.23 -11.23 -34.27
N GLY G 37 24.14 -10.71 -33.72
CA GLY G 37 22.82 -10.71 -34.36
C GLY G 37 22.20 -12.06 -34.63
N VAL G 38 22.46 -12.98 -33.72
CA VAL G 38 22.05 -14.37 -33.86
C VAL G 38 20.59 -14.58 -33.38
N TYR G 39 20.08 -13.62 -32.60
CA TYR G 39 18.70 -13.60 -32.10
C TYR G 39 18.49 -12.18 -31.60
N HIS G 40 17.25 -11.76 -31.38
CA HIS G 40 16.98 -10.38 -30.99
C HIS G 40 16.08 -10.28 -29.75
N THR G 41 15.72 -11.44 -29.21
CA THR G 41 14.60 -11.59 -28.28
C THR G 41 14.91 -12.67 -27.23
N LEU G 42 14.27 -12.59 -26.06
CA LEU G 42 14.43 -13.62 -25.02
C LEU G 42 14.03 -15.02 -25.53
N SER G 43 12.94 -15.12 -26.26
CA SER G 43 12.51 -16.39 -26.85
C SER G 43 13.61 -16.96 -27.80
N GLY G 44 14.19 -16.08 -28.60
CA GLY G 44 15.30 -16.44 -29.48
C GLY G 44 16.59 -16.80 -28.76
N MSE G 45 16.88 -16.14 -27.65
CA MSE G 45 18.06 -16.48 -26.83
C MSE G 45 18.00 -17.90 -26.24
O MSE G 45 18.99 -18.63 -26.23
CB MSE G 45 18.23 -15.46 -25.71
CG MSE G 45 19.36 -15.80 -24.75
SE MSE G 45 19.51 -14.40 -23.41
CE MSE G 45 19.36 -15.51 -21.82
N ILE G 46 16.82 -18.27 -25.73
CA ILE G 46 16.62 -19.56 -25.10
C ILE G 46 16.63 -20.67 -26.13
N MSE G 47 15.98 -20.43 -27.27
CA MSE G 47 16.04 -21.38 -28.39
C MSE G 47 17.49 -21.56 -28.89
O MSE G 47 17.89 -22.67 -29.22
CB MSE G 47 15.12 -20.94 -29.55
CG MSE G 47 15.41 -21.67 -30.83
SE MSE G 47 13.94 -21.60 -32.13
CE MSE G 47 14.43 -19.91 -32.99
N TRP G 48 18.25 -20.47 -28.91
CA TRP G 48 19.67 -20.53 -29.29
C TRP G 48 20.52 -21.34 -28.26
N LEU G 49 20.26 -21.16 -26.97
CA LEU G 49 20.91 -21.99 -25.93
C LEU G 49 20.51 -23.47 -26.02
N LEU G 50 19.23 -23.75 -26.29
CA LEU G 50 18.73 -25.15 -26.39
C LEU G 50 19.21 -25.88 -27.63
N GLY G 51 19.35 -25.12 -28.72
CA GLY G 51 19.62 -25.68 -30.04
C GLY G 51 18.42 -26.39 -30.62
N ARG G 52 17.23 -26.15 -30.07
CA ARG G 52 16.02 -26.76 -30.61
C ARG G 52 14.83 -25.97 -30.12
N LEU G 53 13.68 -26.27 -30.72
CA LEU G 53 12.40 -25.77 -30.28
C LEU G 53 12.22 -25.98 -28.79
N PRO G 54 11.96 -24.87 -28.07
CA PRO G 54 11.62 -24.99 -26.67
C PRO G 54 10.27 -25.73 -26.43
N GLN G 55 10.12 -26.21 -25.20
CA GLN G 55 8.93 -26.89 -24.76
C GLN G 55 8.58 -26.28 -23.41
N THR G 56 7.32 -26.30 -23.05
CA THR G 56 6.90 -25.81 -21.73
C THR G 56 7.61 -26.56 -20.61
N GLY G 57 8.14 -25.84 -19.64
CA GLY G 57 8.88 -26.45 -18.55
C GLY G 57 10.35 -26.66 -18.82
N ASP G 58 10.83 -26.31 -20.02
CA ASP G 58 12.29 -26.25 -20.28
C ASP G 58 12.92 -25.23 -19.34
N ILE G 59 14.09 -25.57 -18.82
CA ILE G 59 14.84 -24.73 -17.89
C ILE G 59 16.22 -24.55 -18.45
N THR G 60 16.64 -23.28 -18.44
CA THR G 60 17.87 -22.83 -19.04
C THR G 60 18.45 -21.85 -18.00
N PHE G 61 19.77 -21.69 -18.00
CA PHE G 61 20.46 -20.88 -17.00
C PHE G 61 21.32 -19.90 -17.75
N TRP G 62 21.41 -18.67 -17.24
CA TRP G 62 22.25 -17.62 -17.82
C TRP G 62 22.69 -16.67 -16.72
N GLU G 63 24.00 -16.52 -16.53
CA GLU G 63 24.53 -15.78 -15.39
C GLU G 63 23.81 -16.18 -14.10
N ASN G 64 23.31 -15.25 -13.33
CA ASN G 64 22.73 -15.61 -12.04
C ASN G 64 21.26 -16.06 -12.10
N TRP G 65 20.77 -16.43 -13.29
CA TRP G 65 19.31 -16.53 -13.54
C TRP G 65 18.88 -17.90 -14.09
N ARG G 66 17.86 -18.47 -13.45
CA ARG G 66 17.18 -19.64 -13.95
C ARG G 66 16.04 -19.13 -14.80
N LEU G 67 15.95 -19.65 -16.01
CA LEU G 67 14.94 -19.23 -16.99
C LEU G 67 14.03 -20.40 -17.35
N GLU G 68 12.79 -20.34 -16.94
CA GLU G 68 11.88 -21.42 -17.16
C GLU G 68 10.82 -21.00 -18.17
N VAL G 69 10.68 -21.80 -19.24
CA VAL G 69 9.57 -21.66 -20.19
C VAL G 69 8.30 -22.14 -19.52
N ILE G 70 7.38 -21.20 -19.32
CA ILE G 70 6.11 -21.46 -18.63
C ILE G 70 4.91 -21.40 -19.59
N ASP G 71 5.12 -20.90 -20.80
CA ASP G 71 4.05 -20.77 -21.79
C ASP G 71 4.60 -20.73 -23.22
N MSE G 72 4.18 -21.70 -24.05
CA MSE G 72 4.49 -21.72 -25.51
C MSE G 72 3.22 -21.34 -26.22
O MSE G 72 2.24 -22.08 -26.14
CB MSE G 72 4.79 -23.13 -26.01
CG MSE G 72 6.03 -23.85 -25.48
SE MSE G 72 7.70 -23.05 -26.06
CE MSE G 72 7.56 -23.11 -28.01
N ASP G 73 3.20 -20.23 -26.94
CA ASP G 73 2.07 -19.95 -27.83
C ASP G 73 2.53 -19.98 -29.29
N SER G 74 1.77 -20.68 -30.13
CA SER G 74 2.27 -21.14 -31.45
C SER G 74 3.68 -21.74 -31.24
N LYS G 75 4.66 -21.37 -32.06
CA LYS G 75 5.97 -22.02 -31.87
C LYS G 75 7.06 -21.12 -31.29
N ARG G 76 6.63 -20.19 -30.46
CA ARG G 76 7.57 -19.37 -29.75
C ARG G 76 7.18 -19.38 -28.32
N ILE G 77 8.18 -19.09 -27.50
CA ILE G 77 8.02 -18.88 -26.10
C ILE G 77 7.22 -17.60 -25.94
N ASP G 78 6.14 -17.68 -25.16
CA ASP G 78 5.35 -16.49 -24.86
C ASP G 78 5.66 -15.92 -23.47
N LYS G 79 5.99 -16.79 -22.52
CA LYS G 79 6.32 -16.33 -21.20
C LYS G 79 7.40 -17.20 -20.55
N VAL G 80 8.26 -16.51 -19.77
CA VAL G 80 9.39 -17.05 -19.07
C VAL G 80 9.32 -16.60 -17.60
N LEU G 81 9.57 -17.55 -16.71
CA LEU G 81 9.76 -17.25 -15.30
C LEU G 81 11.28 -17.21 -15.06
N ALA G 82 11.77 -16.04 -14.63
CA ALA G 82 13.20 -15.79 -14.36
C ALA G 82 13.39 -15.61 -12.86
N THR G 83 14.18 -16.48 -12.25
CA THR G 83 14.42 -16.45 -10.82
C THR G 83 15.94 -16.43 -10.55
N LYS G 84 16.37 -15.69 -9.54
CA LYS G 84 17.78 -15.65 -9.15
C LYS G 84 18.18 -16.97 -8.54
N ILE G 85 19.40 -17.42 -8.81
CA ILE G 85 19.85 -18.75 -8.38
C ILE G 85 20.30 -18.76 -6.93
N ASN H 2 -4.89 -28.38 -20.87
CA ASN H 2 -3.48 -28.88 -20.61
C ASN H 2 -2.80 -28.43 -19.28
N ALA H 3 -1.99 -29.34 -18.75
CA ALA H 3 -1.38 -29.20 -17.42
C ALA H 3 0.03 -29.82 -17.40
N VAL H 4 1.05 -29.02 -17.06
CA VAL H 4 2.40 -29.58 -16.90
C VAL H 4 2.90 -29.38 -15.46
N GLN H 5 3.16 -30.51 -14.81
CA GLN H 5 3.69 -30.49 -13.47
C GLN H 5 5.18 -30.10 -13.50
N ARG H 6 5.57 -29.24 -12.56
CA ARG H 6 6.96 -28.77 -12.45
C ARG H 6 7.70 -29.55 -11.38
N GLU H 7 9.04 -29.57 -11.50
CA GLU H 7 9.94 -30.18 -10.53
C GLU H 7 9.43 -30.19 -9.08
N ASP H 8 8.87 -29.06 -8.61
CA ASP H 8 8.44 -28.93 -7.20
C ASP H 8 7.01 -29.46 -6.91
N GLY H 9 6.34 -29.93 -7.96
CA GLY H 9 5.01 -30.52 -7.81
C GLY H 9 3.88 -29.58 -8.15
N SER H 10 4.19 -28.28 -8.24
CA SER H 10 3.25 -27.25 -8.69
C SER H 10 2.85 -27.44 -10.16
N TRP H 11 1.74 -26.82 -10.58
CA TRP H 11 1.22 -27.01 -11.92
C TRP H 11 1.18 -25.73 -12.77
N LEU H 12 1.54 -25.88 -14.04
CA LEU H 12 1.28 -24.85 -15.05
C LEU H 12 0.03 -25.30 -15.77
N LEU H 13 -1.03 -24.53 -15.60
CA LEU H 13 -2.34 -24.87 -16.17
C LEU H 13 -2.72 -23.85 -17.23
N ASP H 14 -3.28 -24.31 -18.35
CA ASP H 14 -3.89 -23.41 -19.35
CA ASP H 14 -3.85 -23.39 -19.34
C ASP H 14 -5.15 -22.82 -18.76
N GLY H 15 -5.36 -21.53 -18.98
CA GLY H 15 -6.53 -20.82 -18.46
C GLY H 15 -7.87 -21.34 -18.94
N LEU H 16 -7.88 -22.04 -20.07
CA LEU H 16 -9.12 -22.54 -20.61
C LEU H 16 -9.44 -24.03 -20.36
N ILE H 17 -8.59 -24.70 -19.57
CA ILE H 17 -8.95 -26.01 -18.99
C ILE H 17 -10.41 -26.00 -18.47
N ALA H 18 -11.16 -27.06 -18.78
CA ALA H 18 -12.56 -27.16 -18.31
C ALA H 18 -12.60 -27.52 -16.84
N VAL H 19 -13.74 -27.26 -16.19
CA VAL H 19 -13.88 -27.53 -14.77
C VAL H 19 -13.60 -29.01 -14.40
N PRO H 20 -14.19 -30.00 -15.14
CA PRO H 20 -13.90 -31.42 -14.88
C PRO H 20 -12.42 -31.79 -14.87
N GLU H 21 -11.65 -31.32 -15.87
CA GLU H 21 -10.20 -31.55 -15.91
C GLU H 21 -9.45 -30.81 -14.78
N LEU H 22 -9.85 -29.57 -14.50
CA LEU H 22 -9.27 -28.82 -13.40
C LEU H 22 -9.44 -29.58 -12.07
N LYS H 23 -10.66 -30.05 -11.83
CA LYS H 23 -11.01 -30.78 -10.60
C LYS H 23 -10.23 -32.10 -10.46
N ASP H 24 -10.12 -32.85 -11.56
CA ASP H 24 -9.23 -34.02 -11.66
C ASP H 24 -7.74 -33.71 -11.44
N THR H 25 -7.23 -32.66 -12.09
CA THR H 25 -5.81 -32.31 -12.01
C THR H 25 -5.37 -31.88 -10.61
N LEU H 26 -6.20 -31.07 -9.94
CA LEU H 26 -5.87 -30.55 -8.61
C LEU H 26 -6.54 -31.33 -7.48
N GLY H 27 -7.35 -32.33 -7.83
CA GLY H 27 -8.08 -33.11 -6.84
C GLY H 27 -9.03 -32.26 -6.01
N LEU H 28 -9.83 -31.42 -6.67
CA LEU H 28 -10.72 -30.53 -5.94
C LEU H 28 -11.99 -31.27 -5.50
N ARG H 29 -12.57 -30.84 -4.37
CA ARG H 29 -13.84 -31.42 -3.94
C ARG H 29 -14.99 -30.72 -4.66
N ALA H 30 -14.78 -29.45 -4.94
CA ALA H 30 -15.80 -28.57 -5.50
C ALA H 30 -15.14 -27.41 -6.25
N VAL H 31 -15.98 -26.66 -6.96
CA VAL H 31 -15.61 -25.38 -7.57
C VAL H 31 -16.66 -24.36 -7.05
N PRO H 32 -16.33 -23.06 -7.03
CA PRO H 32 -17.37 -22.11 -6.65
C PRO H 32 -18.58 -22.19 -7.59
N GLU H 33 -19.76 -21.90 -7.04
CA GLU H 33 -21.02 -21.88 -7.78
C GLU H 33 -21.22 -23.12 -8.66
N GLU H 34 -20.90 -24.30 -8.12
CA GLU H 34 -20.66 -25.49 -8.92
C GLU H 34 -21.79 -25.94 -9.88
N GLU H 35 -23.03 -25.54 -9.62
CA GLU H 35 -24.12 -25.92 -10.53
C GLU H 35 -24.73 -24.76 -11.31
N LYS H 36 -24.23 -23.54 -11.09
CA LYS H 36 -24.90 -22.34 -11.60
C LYS H 36 -24.45 -21.86 -12.99
N GLY H 37 -23.45 -22.54 -13.55
CA GLY H 37 -22.91 -22.18 -14.87
C GLY H 37 -22.50 -20.73 -15.00
N VAL H 38 -21.84 -20.20 -13.97
CA VAL H 38 -21.35 -18.83 -13.95
C VAL H 38 -20.15 -18.70 -14.91
N TYR H 39 -19.29 -19.70 -14.89
CA TYR H 39 -18.09 -19.73 -15.74
C TYR H 39 -17.93 -21.16 -16.25
N HIS H 40 -17.04 -21.36 -17.24
CA HIS H 40 -16.85 -22.71 -17.78
C HIS H 40 -15.37 -23.12 -17.90
N THR H 41 -14.51 -22.29 -17.36
CA THR H 41 -13.09 -22.36 -17.62
C THR H 41 -12.34 -21.95 -16.33
N LEU H 42 -11.08 -22.37 -16.17
CA LEU H 42 -10.25 -21.95 -15.00
C LEU H 42 -10.10 -20.43 -14.93
N SER H 43 -9.94 -19.82 -16.11
CA SER H 43 -9.92 -18.36 -16.27
C SER H 43 -11.16 -17.71 -15.66
N GLY H 44 -12.36 -18.14 -16.09
CA GLY H 44 -13.64 -17.64 -15.57
C GLY H 44 -13.81 -17.90 -14.08
N MSE H 45 -13.24 -19.00 -13.59
CA MSE H 45 -13.28 -19.30 -12.16
C MSE H 45 -12.49 -18.27 -11.37
O MSE H 45 -12.99 -17.74 -10.36
CB MSE H 45 -12.77 -20.70 -11.85
CG MSE H 45 -13.00 -21.08 -10.39
SE MSE H 45 -12.28 -22.83 -9.97
CE MSE H 45 -10.47 -22.33 -9.43
N ILE H 46 -11.27 -18.00 -11.81
CA ILE H 46 -10.41 -17.01 -11.16
C ILE H 46 -11.04 -15.62 -11.21
N MSE H 47 -11.64 -15.27 -12.34
CA MSE H 47 -12.33 -13.98 -12.48
C MSE H 47 -13.53 -13.81 -11.51
O MSE H 47 -13.77 -12.71 -10.99
CB MSE H 47 -12.75 -13.72 -13.94
CG MSE H 47 -13.43 -12.37 -14.15
SE MSE H 47 -13.83 -11.90 -15.99
CE MSE H 47 -15.56 -12.80 -16.13
N TRP H 48 -14.27 -14.90 -11.29
CA TRP H 48 -15.33 -14.92 -10.30
C TRP H 48 -14.82 -14.68 -8.89
N LEU H 49 -13.75 -15.38 -8.52
CA LEU H 49 -13.14 -15.22 -7.20
C LEU H 49 -12.58 -13.80 -6.95
N LEU H 50 -11.96 -13.20 -7.98
CA LEU H 50 -11.54 -11.80 -7.90
C LEU H 50 -12.70 -10.78 -7.78
N GLY H 51 -13.76 -10.97 -8.56
CA GLY H 51 -14.87 -10.00 -8.65
C GLY H 51 -14.56 -8.82 -9.56
N ARG H 52 -13.66 -9.05 -10.51
CA ARG H 52 -13.22 -8.07 -11.52
C ARG H 52 -12.38 -8.83 -12.53
N LEU H 53 -12.00 -8.15 -13.61
CA LEU H 53 -11.10 -8.69 -14.61
C LEU H 53 -9.73 -8.97 -13.97
N PRO H 54 -9.19 -10.18 -14.21
CA PRO H 54 -7.86 -10.49 -13.68
C PRO H 54 -6.77 -9.64 -14.33
N GLN H 55 -5.65 -9.49 -13.62
CA GLN H 55 -4.46 -8.82 -14.11
C GLN H 55 -3.32 -9.80 -13.91
N THR H 56 -2.27 -9.70 -14.74
CA THR H 56 -1.07 -10.54 -14.59
C THR H 56 -0.45 -10.38 -13.21
N GLY H 57 -0.14 -11.52 -12.59
CA GLY H 57 0.37 -11.49 -11.24
C GLY H 57 -0.65 -11.58 -10.13
N ASP H 58 -1.95 -11.57 -10.45
CA ASP H 58 -3.03 -11.74 -9.42
C ASP H 58 -2.92 -13.06 -8.72
N ILE H 59 -3.22 -13.08 -7.42
CA ILE H 59 -3.21 -14.30 -6.62
C ILE H 59 -4.60 -14.52 -6.07
N THR H 60 -5.12 -15.72 -6.26
CA THR H 60 -6.36 -16.10 -5.63
C THR H 60 -6.18 -17.49 -5.00
N PHE H 61 -7.15 -17.93 -4.22
CA PHE H 61 -7.08 -19.22 -3.58
C PHE H 61 -8.38 -19.97 -3.78
N TRP H 62 -8.26 -21.28 -3.88
CA TRP H 62 -9.42 -22.13 -3.86
C TRP H 62 -8.98 -23.40 -3.19
N GLU H 63 -9.76 -23.77 -2.16
CA GLU H 63 -9.52 -24.90 -1.25
C GLU H 63 -8.15 -25.57 -1.32
N ASN H 64 -7.15 -25.02 -0.65
CA ASN H 64 -5.77 -25.58 -0.57
C ASN H 64 -4.83 -25.28 -1.74
N TRP H 65 -5.33 -24.60 -2.76
CA TRP H 65 -4.50 -24.21 -3.86
C TRP H 65 -4.40 -22.70 -3.98
N ARG H 66 -3.16 -22.24 -4.10
CA ARG H 66 -2.81 -20.86 -4.46
C ARG H 66 -2.76 -20.81 -5.96
N LEU H 67 -3.46 -19.84 -6.55
CA LEU H 67 -3.62 -19.74 -7.99
C LEU H 67 -3.06 -18.40 -8.45
N GLU H 68 -2.03 -18.42 -9.30
CA GLU H 68 -1.40 -17.18 -9.76
C GLU H 68 -1.57 -17.05 -11.26
N VAL H 69 -2.12 -15.93 -11.68
CA VAL H 69 -2.11 -15.52 -13.08
C VAL H 69 -0.68 -15.14 -13.57
N ILE H 70 -0.12 -15.95 -14.47
CA ILE H 70 1.29 -15.76 -14.85
C ILE H 70 1.35 -15.32 -16.34
N ASP H 71 0.19 -15.31 -16.99
CA ASP H 71 0.14 -14.88 -18.36
C ASP H 71 -1.28 -14.50 -18.76
N MSE H 72 -1.39 -13.31 -19.33
CA MSE H 72 -2.64 -12.92 -19.95
C MSE H 72 -2.55 -12.52 -21.38
O MSE H 72 -1.86 -11.57 -21.75
CB MSE H 72 -3.31 -11.85 -19.16
CG MSE H 72 -3.94 -12.50 -17.97
SE MSE H 72 -5.05 -11.31 -17.02
CE MSE H 72 -6.58 -11.10 -18.19
N ASP H 73 -3.27 -13.28 -22.20
CA ASP H 73 -3.37 -12.98 -23.61
C ASP H 73 -4.82 -12.67 -23.95
N SER H 74 -5.01 -11.53 -24.63
CA SER H 74 -6.33 -10.97 -24.87
C SER H 74 -6.99 -10.60 -23.55
N LYS H 75 -8.31 -10.54 -23.52
CA LYS H 75 -8.99 -10.21 -22.25
C LYS H 75 -9.00 -11.37 -21.24
N ARG H 76 -8.05 -12.31 -21.32
CA ARG H 76 -8.19 -13.49 -20.46
C ARG H 76 -6.93 -14.13 -19.95
N ILE H 77 -7.09 -15.03 -19.00
CA ILE H 77 -5.98 -15.74 -18.40
C ILE H 77 -5.55 -16.87 -19.35
N ASP H 78 -4.29 -16.79 -19.81
CA ASP H 78 -3.74 -17.86 -20.66
C ASP H 78 -3.03 -18.95 -19.84
N LYS H 79 -2.39 -18.56 -18.74
CA LYS H 79 -1.63 -19.50 -17.93
C LYS H 79 -1.72 -19.21 -16.42
N VAL H 80 -1.86 -20.27 -15.64
CA VAL H 80 -1.99 -20.18 -14.22
C VAL H 80 -0.91 -21.07 -13.61
N LEU H 81 -0.28 -20.57 -12.55
CA LEU H 81 0.58 -21.37 -11.72
C LEU H 81 -0.25 -21.78 -10.51
N ALA H 82 -0.43 -23.09 -10.33
CA ALA H 82 -1.18 -23.58 -9.19
C ALA H 82 -0.27 -24.34 -8.22
N THR H 83 -0.23 -23.86 -6.96
CA THR H 83 0.57 -24.44 -5.89
C THR H 83 -0.26 -24.86 -4.65
N LYS H 84 -0.10 -26.11 -4.21
CA LYS H 84 -0.77 -26.58 -3.03
C LYS H 84 -0.16 -25.92 -1.78
N ILE H 85 -1.01 -25.51 -0.85
CA ILE H 85 -0.60 -25.01 0.45
C ILE H 85 -0.78 -26.09 1.51
N ASP H 86 0.25 -26.33 2.31
CA ASP H 86 0.11 -27.25 3.46
C ASP H 86 0.22 -26.52 4.81
N SER I 1 -25.68 23.03 -5.31
CA SER I 1 -26.35 22.91 -4.00
C SER I 1 -25.83 21.65 -3.39
N ASN I 2 -25.44 20.75 -4.31
CA ASN I 2 -26.04 19.45 -4.49
C ASN I 2 -25.07 18.48 -5.18
N ALA I 3 -25.45 17.19 -5.05
CA ALA I 3 -24.67 16.08 -5.52
C ALA I 3 -25.69 15.09 -6.04
N VAL I 4 -25.59 14.75 -7.32
CA VAL I 4 -26.43 13.64 -7.87
C VAL I 4 -25.53 12.52 -8.37
N GLN I 5 -25.79 11.31 -7.91
CA GLN I 5 -25.00 10.19 -8.31
C GLN I 5 -25.60 9.58 -9.57
N ARG I 6 -24.73 9.26 -10.51
CA ARG I 6 -25.11 8.67 -11.80
C ARG I 6 -25.14 7.16 -11.69
N GLU I 7 -25.77 6.50 -12.65
CA GLU I 7 -25.95 5.05 -12.56
C GLU I 7 -24.62 4.30 -12.52
N ASP I 8 -23.59 4.86 -13.16
CA ASP I 8 -22.30 4.20 -13.17
C ASP I 8 -21.49 4.47 -11.88
N GLY I 9 -22.08 5.18 -10.91
CA GLY I 9 -21.41 5.48 -9.66
C GLY I 9 -20.74 6.85 -9.56
N SER I 10 -20.59 7.54 -10.70
CA SER I 10 -19.97 8.89 -10.72
C SER I 10 -20.95 9.95 -10.23
N TRP I 11 -20.46 11.15 -9.96
CA TRP I 11 -21.30 12.15 -9.34
C TRP I 11 -21.32 13.41 -10.16
N LEU I 12 -22.51 14.02 -10.26
CA LEU I 12 -22.68 15.38 -10.75
C LEU I 12 -22.68 16.31 -9.54
N LEU I 13 -21.68 17.19 -9.47
CA LEU I 13 -21.50 18.03 -8.30
C LEU I 13 -21.55 19.49 -8.68
N ASP I 14 -22.24 20.26 -7.86
CA ASP I 14 -22.26 21.69 -8.01
C ASP I 14 -20.88 22.27 -7.78
N GLY I 15 -20.46 23.23 -8.60
CA GLY I 15 -19.20 23.89 -8.36
C GLY I 15 -19.19 24.61 -7.00
N LEU I 16 -20.35 25.03 -6.55
CA LEU I 16 -20.51 25.82 -5.31
C LEU I 16 -20.79 25.01 -4.05
N ILE I 17 -20.79 23.69 -4.16
CA ILE I 17 -20.87 22.79 -2.98
C ILE I 17 -19.73 23.12 -1.98
N ALA I 18 -20.07 23.25 -0.71
CA ALA I 18 -19.05 23.66 0.29
C ALA I 18 -18.14 22.47 0.63
N VAL I 19 -17.05 22.73 1.33
CA VAL I 19 -16.06 21.67 1.58
C VAL I 19 -16.59 20.51 2.47
N PRO I 20 -17.30 20.83 3.61
CA PRO I 20 -17.90 19.73 4.41
C PRO I 20 -18.74 18.72 3.59
N GLU I 21 -19.67 19.20 2.76
CA GLU I 21 -20.52 18.31 1.98
C GLU I 21 -19.73 17.61 0.88
N LEU I 22 -18.65 18.23 0.42
CA LEU I 22 -17.89 17.63 -0.65
C LEU I 22 -17.24 16.35 -0.11
N LYS I 23 -16.61 16.49 1.05
CA LYS I 23 -16.00 15.34 1.70
C LYS I 23 -17.00 14.21 1.98
N ASP I 24 -18.22 14.56 2.41
CA ASP I 24 -19.25 13.56 2.71
C ASP I 24 -19.69 12.86 1.44
N THR I 25 -19.79 13.61 0.35
CA THR I 25 -20.23 13.04 -0.90
C THR I 25 -19.15 12.10 -1.47
N LEU I 26 -17.89 12.55 -1.49
CA LEU I 26 -16.86 11.76 -2.16
C LEU I 26 -16.10 10.82 -1.22
N GLY I 27 -16.57 10.74 0.03
CA GLY I 27 -15.93 9.96 1.10
C GLY I 27 -14.47 10.35 1.22
N LEU I 28 -14.19 11.65 1.23
CA LEU I 28 -12.79 12.13 1.28
C LEU I 28 -12.26 12.12 2.70
N ARG I 29 -10.92 12.10 2.81
CA ARG I 29 -10.20 12.14 4.05
C ARG I 29 -9.59 13.54 4.31
N ALA I 30 -9.34 14.28 3.23
CA ALA I 30 -8.71 15.60 3.30
C ALA I 30 -9.00 16.38 2.03
N VAL I 31 -8.80 17.69 2.08
CA VAL I 31 -8.78 18.53 0.89
C VAL I 31 -7.46 19.34 0.88
N PRO I 32 -7.01 19.83 -0.29
CA PRO I 32 -5.72 20.53 -0.19
C PRO I 32 -5.78 21.83 0.64
N GLU I 33 -4.79 22.04 1.50
CA GLU I 33 -4.73 23.25 2.34
C GLU I 33 -5.94 23.32 3.28
N GLU I 34 -6.33 22.18 3.83
CA GLU I 34 -7.47 22.12 4.75
C GLU I 34 -7.20 23.06 5.94
N GLU I 35 -8.26 23.61 6.52
CA GLU I 35 -8.22 24.69 7.52
C GLU I 35 -7.16 25.80 7.28
N LYS I 36 -6.94 26.15 6.01
CA LYS I 36 -6.05 27.26 5.62
C LYS I 36 -6.79 28.41 4.94
N GLY I 37 -8.07 28.18 4.63
CA GLY I 37 -8.98 29.21 4.11
C GLY I 37 -8.70 29.80 2.75
N VAL I 38 -7.95 29.08 1.90
CA VAL I 38 -7.66 29.58 0.55
C VAL I 38 -8.87 29.50 -0.40
N TYR I 39 -9.78 28.54 -0.17
CA TYR I 39 -11.03 28.34 -0.95
C TYR I 39 -12.15 27.71 -0.06
N HIS I 40 -13.40 27.81 -0.49
CA HIS I 40 -14.53 27.35 0.35
C HIS I 40 -15.51 26.42 -0.41
N THR I 41 -15.12 26.02 -1.61
CA THR I 41 -16.05 25.57 -2.61
C THR I 41 -15.29 24.58 -3.53
N LEU I 42 -15.99 23.61 -4.13
CA LEU I 42 -15.36 22.72 -5.12
C LEU I 42 -14.76 23.54 -6.27
N SER I 43 -15.49 24.54 -6.75
CA SER I 43 -14.97 25.40 -7.81
C SER I 43 -13.60 26.03 -7.44
N GLY I 44 -13.52 26.60 -6.24
CA GLY I 44 -12.28 27.20 -5.77
C GLY I 44 -11.17 26.17 -5.55
N MSE I 45 -11.54 25.00 -5.05
CA MSE I 45 -10.61 23.88 -4.95
C MSE I 45 -9.97 23.47 -6.29
O MSE I 45 -8.75 23.33 -6.39
CB MSE I 45 -11.27 22.64 -4.34
CG MSE I 45 -10.23 21.57 -4.00
SE MSE I 45 -11.00 19.92 -3.30
CE MSE I 45 -11.21 18.95 -4.94
N ILE I 46 -10.79 23.30 -7.32
CA ILE I 46 -10.29 23.03 -8.65
C ILE I 46 -9.39 24.16 -9.16
N MSE I 47 -9.81 25.41 -8.98
CA MSE I 47 -9.00 26.55 -9.44
C MSE I 47 -7.64 26.63 -8.73
O MSE I 47 -6.63 26.95 -9.36
CB MSE I 47 -9.77 27.87 -9.28
CG MSE I 47 -8.88 29.10 -9.38
SE MSE I 47 -9.97 30.69 -9.51
CE MSE I 47 -10.04 31.09 -7.58
N TRP I 48 -7.63 26.29 -7.44
CA TRP I 48 -6.39 26.24 -6.67
C TRP I 48 -5.49 25.13 -7.26
N LEU I 49 -6.09 24.03 -7.74
CA LEU I 49 -5.32 22.90 -8.22
C LEU I 49 -4.71 23.23 -9.58
N LEU I 50 -5.50 23.88 -10.44
CA LEU I 50 -5.05 24.43 -11.73
C LEU I 50 -4.00 25.55 -11.63
N GLY I 51 -4.16 26.46 -10.65
CA GLY I 51 -3.33 27.66 -10.50
C GLY I 51 -3.72 28.70 -11.55
N ARG I 52 -4.93 28.58 -12.10
CA ARG I 52 -5.47 29.58 -13.02
C ARG I 52 -7.01 29.45 -13.05
N LEU I 53 -7.66 30.30 -13.84
CA LEU I 53 -9.13 30.21 -14.01
C LEU I 53 -9.46 28.92 -14.80
N PRO I 54 -10.43 28.12 -14.31
CA PRO I 54 -10.83 26.91 -15.02
C PRO I 54 -11.55 27.17 -16.32
N GLN I 55 -11.55 26.13 -17.16
CA GLN I 55 -12.19 26.15 -18.45
C GLN I 55 -12.99 24.86 -18.50
N THR I 56 -14.09 24.88 -19.23
CA THR I 56 -14.85 23.65 -19.43
C THR I 56 -13.92 22.64 -20.11
N GLY I 57 -14.01 21.38 -19.70
CA GLY I 57 -13.13 20.36 -20.19
C GLY I 57 -11.93 20.13 -19.30
N ASP I 58 -11.62 21.06 -18.39
CA ASP I 58 -10.45 20.84 -17.51
C ASP I 58 -10.62 19.57 -16.67
N ILE I 59 -9.55 18.79 -16.58
CA ILE I 59 -9.49 17.59 -15.79
C ILE I 59 -8.47 17.74 -14.68
N THR I 60 -8.93 17.55 -13.46
CA THR I 60 -8.03 17.57 -12.31
C THR I 60 -8.21 16.29 -11.43
N PHE I 61 -7.23 15.99 -10.57
CA PHE I 61 -7.29 14.84 -9.67
C PHE I 61 -7.16 15.18 -8.18
N TRP I 62 -7.91 14.46 -7.34
CA TRP I 62 -7.77 14.54 -5.88
C TRP I 62 -8.16 13.19 -5.22
N GLU I 63 -7.30 12.64 -4.35
CA GLU I 63 -7.58 11.35 -3.68
C GLU I 63 -8.27 10.25 -4.56
N ASN I 64 -7.75 9.99 -5.76
CA ASN I 64 -8.33 8.96 -6.66
C ASN I 64 -9.75 9.27 -7.22
N TRP I 65 -10.13 10.55 -7.18
CA TRP I 65 -11.24 11.05 -7.97
C TRP I 65 -10.69 11.87 -9.10
N ARG I 66 -11.21 11.59 -10.28
CA ARG I 66 -11.05 12.41 -11.48
C ARG I 66 -12.19 13.42 -11.52
N LEU I 67 -11.82 14.69 -11.63
CA LEU I 67 -12.78 15.79 -11.60
C LEU I 67 -12.76 16.52 -12.91
N GLU I 68 -13.89 16.52 -13.61
CA GLU I 68 -13.99 17.19 -14.90
C GLU I 68 -15.00 18.33 -14.86
N VAL I 69 -14.59 19.52 -15.31
CA VAL I 69 -15.50 20.64 -15.49
C VAL I 69 -16.42 20.43 -16.70
N ILE I 70 -17.73 20.36 -16.44
CA ILE I 70 -18.72 20.11 -17.49
C ILE I 70 -19.69 21.31 -17.71
N ASP I 71 -19.50 22.42 -16.98
CA ASP I 71 -20.31 23.61 -17.15
C ASP I 71 -19.68 24.79 -16.39
N MSE I 72 -19.52 25.92 -17.06
CA MSE I 72 -18.92 27.08 -16.45
C MSE I 72 -19.89 28.15 -16.64
O MSE I 72 -20.26 28.44 -17.78
CB MSE I 72 -17.72 27.58 -17.25
CG MSE I 72 -16.60 26.61 -17.31
SE MSE I 72 -15.28 27.02 -15.96
CE MSE I 72 -15.12 28.96 -16.16
N ASP I 73 -20.30 28.76 -15.55
CA ASP I 73 -21.22 29.85 -15.69
C ASP I 73 -20.46 31.12 -15.34
N SER I 74 -20.31 31.99 -16.35
CA SER I 74 -19.23 33.01 -16.39
C SER I 74 -17.84 32.50 -15.99
N LYS I 75 -17.25 33.12 -14.99
CA LYS I 75 -15.86 32.89 -14.60
C LYS I 75 -15.82 31.82 -13.52
N ARG I 76 -16.91 31.08 -13.35
CA ARG I 76 -17.01 30.10 -12.27
C ARG I 76 -17.41 28.73 -12.81
N ILE I 77 -16.94 27.67 -12.17
CA ILE I 77 -17.35 26.32 -12.48
C ILE I 77 -18.72 26.15 -11.85
N ASP I 78 -19.69 25.75 -12.66
CA ASP I 78 -21.02 25.48 -12.13
C ASP I 78 -21.27 23.99 -11.89
N LYS I 79 -20.63 23.15 -12.67
CA LYS I 79 -20.86 21.73 -12.57
C LYS I 79 -19.61 20.92 -12.88
N VAL I 80 -19.43 19.87 -12.07
CA VAL I 80 -18.32 18.93 -12.14
C VAL I 80 -18.82 17.50 -12.20
N LEU I 81 -18.18 16.71 -13.05
CA LEU I 81 -18.32 15.28 -13.02
C LEU I 81 -17.14 14.63 -12.26
N ALA I 82 -17.46 13.88 -11.19
CA ALA I 82 -16.42 13.20 -10.40
C ALA I 82 -16.57 11.70 -10.55
N THR I 83 -15.48 11.07 -10.93
CA THR I 83 -15.41 9.64 -11.25
C THR I 83 -14.25 9.00 -10.46
N LYS I 84 -14.55 7.95 -9.72
CA LYS I 84 -13.51 7.23 -8.95
C LYS I 84 -12.56 6.55 -9.93
N ILE I 85 -11.26 6.65 -9.65
CA ILE I 85 -10.17 6.09 -10.48
C ILE I 85 -9.72 4.68 -10.08
N ASP I 86 -9.59 3.83 -11.11
CA ASP I 86 -8.79 2.57 -11.19
C ASP I 86 -9.59 1.29 -11.56
N SER J 1 -25.71 29.01 -24.97
CA SER J 1 -26.85 29.11 -25.94
C SER J 1 -26.44 28.26 -27.15
N ASN J 2 -25.57 27.27 -26.88
CA ASN J 2 -24.74 26.59 -27.87
C ASN J 2 -24.21 25.16 -27.55
N ALA J 3 -23.02 24.86 -28.09
CA ALA J 3 -22.50 23.48 -28.18
C ALA J 3 -20.98 23.41 -28.04
N VAL J 4 -20.51 22.57 -27.13
CA VAL J 4 -19.07 22.22 -27.03
C VAL J 4 -18.95 20.70 -26.99
N GLN J 5 -18.00 20.17 -27.76
CA GLN J 5 -17.79 18.72 -27.88
C GLN J 5 -16.69 18.28 -26.89
N ARG J 6 -16.93 17.20 -26.14
CA ARG J 6 -15.89 16.67 -25.25
C ARG J 6 -14.88 15.89 -26.06
N GLU J 7 -13.80 15.47 -25.42
CA GLU J 7 -12.74 14.76 -26.13
C GLU J 7 -13.18 13.38 -26.64
N ASP J 8 -14.17 12.75 -26.02
CA ASP J 8 -14.69 11.47 -26.54
C ASP J 8 -15.75 11.68 -27.63
N GLY J 9 -15.97 12.92 -28.07
CA GLY J 9 -16.93 13.19 -29.14
C GLY J 9 -18.36 13.49 -28.67
N SER J 10 -18.66 13.21 -27.39
CA SER J 10 -19.96 13.58 -26.85
C SER J 10 -20.04 15.12 -26.71
N TRP J 11 -21.26 15.64 -26.58
CA TRP J 11 -21.56 17.06 -26.66
C TRP J 11 -22.14 17.55 -25.37
N LEU J 12 -21.62 18.70 -24.93
CA LEU J 12 -22.24 19.47 -23.87
C LEU J 12 -23.05 20.58 -24.55
N LEU J 13 -24.37 20.53 -24.39
CA LEU J 13 -25.30 21.43 -25.02
C LEU J 13 -25.99 22.35 -24.03
N ASP J 14 -26.01 23.63 -24.36
CA ASP J 14 -26.72 24.58 -23.55
C ASP J 14 -28.20 24.30 -23.70
N GLY J 15 -28.94 24.39 -22.58
CA GLY J 15 -30.40 24.22 -22.64
C GLY J 15 -31.14 25.19 -23.53
N LEU J 16 -30.51 26.33 -23.84
CA LEU J 16 -31.13 27.39 -24.65
C LEU J 16 -30.91 27.20 -26.17
N ILE J 17 -30.13 26.19 -26.56
CA ILE J 17 -29.89 25.91 -27.96
C ILE J 17 -31.23 25.68 -28.75
N ALA J 18 -31.39 26.43 -29.84
CA ALA J 18 -32.57 26.38 -30.64
C ALA J 18 -32.56 25.12 -31.51
N VAL J 19 -33.74 24.77 -32.03
CA VAL J 19 -33.93 23.59 -32.86
C VAL J 19 -33.01 23.55 -34.08
N PRO J 20 -32.94 24.63 -34.89
CA PRO J 20 -32.00 24.59 -36.03
C PRO J 20 -30.53 24.26 -35.63
N GLU J 21 -29.97 24.95 -34.64
CA GLU J 21 -28.61 24.63 -34.18
C GLU J 21 -28.57 23.19 -33.66
N LEU J 22 -29.60 22.77 -32.91
CA LEU J 22 -29.66 21.43 -32.29
C LEU J 22 -29.60 20.31 -33.34
N LYS J 23 -30.48 20.35 -34.33
CA LYS J 23 -30.52 19.32 -35.38
C LYS J 23 -29.22 19.25 -36.17
N ASP J 24 -28.57 20.38 -36.37
CA ASP J 24 -27.29 20.36 -37.07
C ASP J 24 -26.10 19.87 -36.27
N THR J 25 -26.01 20.21 -34.99
CA THR J 25 -24.96 19.72 -34.12
C THR J 25 -25.00 18.18 -34.00
N LEU J 26 -26.22 17.66 -33.78
CA LEU J 26 -26.44 16.28 -33.49
C LEU J 26 -26.81 15.46 -34.74
N GLY J 27 -26.93 16.10 -35.90
CA GLY J 27 -27.33 15.43 -37.15
C GLY J 27 -28.70 14.78 -37.04
N LEU J 28 -29.68 15.51 -36.50
CA LEU J 28 -31.01 14.95 -36.32
C LEU J 28 -31.83 15.06 -37.57
N ARG J 29 -32.67 14.06 -37.81
CA ARG J 29 -33.60 14.06 -38.91
C ARG J 29 -34.78 14.98 -38.58
N ALA J 30 -35.25 14.88 -37.33
CA ALA J 30 -36.42 15.62 -36.88
C ALA J 30 -36.24 15.94 -35.41
N VAL J 31 -37.17 16.72 -34.85
CA VAL J 31 -37.39 16.80 -33.41
C VAL J 31 -38.88 16.49 -33.16
N PRO J 32 -39.26 16.05 -31.95
CA PRO J 32 -40.69 15.73 -31.70
C PRO J 32 -41.58 16.97 -31.85
N GLU J 33 -42.78 16.78 -32.43
CA GLU J 33 -43.78 17.86 -32.59
C GLU J 33 -43.25 19.02 -33.43
N GLU J 34 -42.44 18.69 -34.43
CA GLU J 34 -41.56 19.69 -35.07
C GLU J 34 -42.22 21.00 -35.57
N GLU J 35 -43.29 20.93 -36.33
CA GLU J 35 -43.80 22.21 -36.84
C GLU J 35 -45.03 22.67 -36.06
N LYS J 36 -44.99 22.55 -34.73
CA LYS J 36 -46.18 22.89 -33.93
C LYS J 36 -45.93 23.96 -32.83
N GLY J 37 -44.67 24.32 -32.62
CA GLY J 37 -44.33 25.38 -31.65
C GLY J 37 -44.63 25.06 -30.19
N VAL J 38 -44.43 23.81 -29.82
CA VAL J 38 -44.64 23.38 -28.45
C VAL J 38 -43.49 23.86 -27.55
N TYR J 39 -42.28 23.92 -28.11
CA TYR J 39 -41.08 24.32 -27.40
C TYR J 39 -40.14 24.87 -28.47
N HIS J 40 -39.09 25.59 -28.08
CA HIS J 40 -38.18 26.24 -29.06
C HIS J 40 -36.72 26.01 -28.72
N THR J 41 -36.50 25.18 -27.70
CA THR J 41 -35.26 25.09 -26.98
C THR J 41 -35.03 23.64 -26.58
N LEU J 42 -33.75 23.20 -26.53
CA LEU J 42 -33.43 21.87 -26.00
C LEU J 42 -34.06 21.61 -24.60
N SER J 43 -34.03 22.60 -23.73
CA SER J 43 -34.66 22.46 -22.41
C SER J 43 -36.15 22.08 -22.53
N GLY J 44 -36.87 22.79 -23.42
CA GLY J 44 -38.28 22.54 -23.66
C GLY J 44 -38.56 21.18 -24.29
N MSE J 45 -37.66 20.77 -25.19
CA MSE J 45 -37.74 19.46 -25.86
C MSE J 45 -37.65 18.30 -24.83
O MSE J 45 -38.40 17.35 -24.91
CB MSE J 45 -36.62 19.28 -26.87
CG MSE J 45 -36.80 18.01 -27.70
SE MSE J 45 -35.40 17.83 -29.08
CE MSE J 45 -34.27 16.56 -28.16
N ILE J 46 -36.69 18.40 -23.93
CA ILE J 46 -36.51 17.40 -22.90
C ILE J 46 -37.72 17.39 -21.94
N MSE J 47 -38.19 18.55 -21.53
CA MSE J 47 -39.41 18.60 -20.72
C MSE J 47 -40.61 17.89 -21.43
O MSE J 47 -41.36 17.11 -20.82
CB MSE J 47 -39.76 20.04 -20.29
CG MSE J 47 -41.00 20.11 -19.40
SE MSE J 47 -41.22 21.83 -18.48
CE MSE J 47 -42.95 21.50 -17.63
N TRP J 48 -40.78 18.19 -22.72
CA TRP J 48 -41.79 17.53 -23.55
C TRP J 48 -41.61 16.00 -23.56
N LEU J 49 -40.39 15.50 -23.78
CA LEU J 49 -40.16 14.04 -23.75
C LEU J 49 -40.45 13.39 -22.40
N LEU J 50 -40.14 14.11 -21.34
CA LEU J 50 -40.30 13.59 -19.96
C LEU J 50 -41.75 13.61 -19.51
N GLY J 51 -42.51 14.59 -20.04
CA GLY J 51 -43.91 14.81 -19.66
C GLY J 51 -43.99 15.47 -18.31
N ARG J 52 -42.89 16.07 -17.84
CA ARG J 52 -42.90 16.71 -16.51
C ARG J 52 -41.66 17.60 -16.41
N LEU J 53 -41.58 18.32 -15.29
CA LEU J 53 -40.43 19.14 -14.97
C LEU J 53 -39.17 18.26 -14.91
N PRO J 54 -38.12 18.60 -15.67
CA PRO J 54 -36.92 17.80 -15.57
C PRO J 54 -36.25 17.93 -14.21
N GLN J 55 -35.41 16.96 -13.86
CA GLN J 55 -34.57 16.98 -12.66
C GLN J 55 -33.13 16.66 -13.08
N THR J 56 -32.15 17.22 -12.39
CA THR J 56 -30.76 16.91 -12.65
C THR J 56 -30.53 15.41 -12.52
N GLY J 57 -29.85 14.83 -13.50
CA GLY J 57 -29.66 13.39 -13.53
C GLY J 57 -30.65 12.64 -14.46
N ASP J 58 -31.74 13.30 -14.88
CA ASP J 58 -32.70 12.71 -15.79
C ASP J 58 -32.01 12.33 -17.12
N ILE J 59 -32.44 11.21 -17.67
CA ILE J 59 -31.96 10.69 -18.94
C ILE J 59 -33.19 10.55 -19.80
N THR J 60 -33.11 11.04 -21.02
CA THR J 60 -34.11 10.74 -22.03
C THR J 60 -33.34 10.43 -23.32
N PHE J 61 -34.06 10.07 -24.39
CA PHE J 61 -33.46 9.64 -25.66
C PHE J 61 -34.17 10.27 -26.85
N TRP J 62 -33.44 10.48 -27.95
CA TRP J 62 -34.05 11.03 -29.14
C TRP J 62 -33.20 10.59 -30.30
N GLU J 63 -33.84 9.95 -31.28
CA GLU J 63 -33.14 9.29 -32.37
C GLU J 63 -32.03 8.41 -31.78
N ASN J 64 -30.78 8.55 -32.18
CA ASN J 64 -29.76 7.72 -31.50
C ASN J 64 -28.88 8.49 -30.49
N TRP J 65 -29.51 9.42 -29.77
CA TRP J 65 -28.86 10.21 -28.77
C TRP J 65 -29.43 9.97 -27.39
N ARG J 66 -28.55 9.67 -26.46
CA ARG J 66 -28.86 9.66 -25.05
C ARG J 66 -28.62 11.07 -24.55
N LEU J 67 -29.60 11.61 -23.82
CA LEU J 67 -29.54 12.98 -23.35
C LEU J 67 -29.65 12.97 -21.83
N GLU J 68 -28.64 13.50 -21.19
CA GLU J 68 -28.65 13.53 -19.75
C GLU J 68 -28.66 14.98 -19.30
N VAL J 69 -29.58 15.33 -18.40
CA VAL J 69 -29.57 16.63 -17.72
C VAL J 69 -28.46 16.68 -16.70
N ILE J 70 -27.50 17.54 -16.93
CA ILE J 70 -26.39 17.56 -15.99
C ILE J 70 -26.39 18.79 -15.09
N ASP J 71 -27.19 19.78 -15.45
CA ASP J 71 -27.26 21.02 -14.70
C ASP J 71 -28.57 21.79 -14.94
N MSE J 72 -29.17 22.20 -13.84
CA MSE J 72 -30.39 22.99 -13.87
C MSE J 72 -30.21 24.24 -13.03
O MSE J 72 -29.96 24.18 -11.81
CB MSE J 72 -31.52 22.16 -13.31
CG MSE J 72 -31.86 21.06 -14.32
SE MSE J 72 -33.58 20.34 -13.94
CE MSE J 72 -34.69 21.94 -14.20
N ASP J 73 -30.32 25.37 -13.70
CA ASP J 73 -30.20 26.65 -13.04
C ASP J 73 -31.53 27.40 -13.18
N SER J 74 -32.04 27.92 -12.08
CA SER J 74 -33.31 28.68 -12.13
C SER J 74 -34.49 27.90 -12.74
N LYS J 75 -34.55 26.62 -12.38
CA LYS J 75 -35.67 25.74 -12.66
C LYS J 75 -35.86 25.42 -14.15
N ARG J 76 -34.79 25.55 -14.93
CA ARG J 76 -34.77 25.00 -16.27
C ARG J 76 -33.40 24.37 -16.52
N ILE J 77 -33.31 23.61 -17.59
CA ILE J 77 -32.14 22.88 -17.91
C ILE J 77 -31.07 23.86 -18.47
N ASP J 78 -29.91 23.91 -17.82
CA ASP J 78 -28.83 24.75 -18.28
C ASP J 78 -27.85 23.95 -19.15
N LYS J 79 -27.71 22.65 -18.89
CA LYS J 79 -26.71 21.83 -19.62
C LYS J 79 -27.12 20.39 -19.72
N VAL J 80 -26.87 19.85 -20.91
CA VAL J 80 -27.24 18.50 -21.31
C VAL J 80 -25.98 17.82 -21.82
N LEU J 81 -25.76 16.59 -21.40
CA LEU J 81 -24.73 15.79 -22.01
C LEU J 81 -25.37 14.88 -23.08
N ALA J 82 -24.96 15.04 -24.34
CA ALA J 82 -25.52 14.23 -25.43
C ALA J 82 -24.46 13.23 -25.90
N THR J 83 -24.81 11.94 -25.86
CA THR J 83 -23.91 10.83 -26.20
C THR J 83 -24.59 9.99 -27.30
N LYS J 84 -23.85 9.70 -28.37
CA LYS J 84 -24.36 8.88 -29.45
C LYS J 84 -24.52 7.42 -28.99
N ILE J 85 -25.62 6.77 -29.37
CA ILE J 85 -25.80 5.35 -29.13
C ILE J 85 -25.49 4.66 -30.47
N ASP J 86 -24.37 3.97 -30.53
CA ASP J 86 -23.86 3.45 -31.81
C ASP J 86 -24.35 4.24 -33.04
N SER K 1 10.07 -16.44 21.40
CA SER K 1 9.19 -15.80 22.42
C SER K 1 7.75 -16.25 22.20
N ASN K 2 7.58 -17.56 22.12
CA ASN K 2 6.28 -18.09 21.80
C ASN K 2 5.73 -19.24 22.66
N ALA K 3 4.68 -19.86 22.18
CA ALA K 3 3.84 -20.73 22.95
C ALA K 3 3.22 -21.61 21.91
N VAL K 4 3.41 -22.92 22.07
CA VAL K 4 2.67 -23.88 21.24
C VAL K 4 1.90 -24.86 22.12
N GLN K 5 0.62 -25.03 21.83
CA GLN K 5 -0.18 -25.90 22.66
C GLN K 5 -0.11 -27.33 22.15
N ARG K 6 0.06 -28.26 23.08
CA ARG K 6 0.18 -29.66 22.70
C ARG K 6 -1.20 -30.26 22.64
N GLU K 7 -1.28 -31.50 22.18
CA GLU K 7 -2.56 -32.14 21.89
C GLU K 7 -3.40 -32.23 23.14
N ASP K 8 -2.76 -32.53 24.27
CA ASP K 8 -3.46 -32.69 25.54
C ASP K 8 -3.81 -31.36 26.22
N GLY K 9 -3.62 -30.25 25.49
CA GLY K 9 -3.89 -28.90 26.02
C GLY K 9 -2.76 -28.22 26.80
N SER K 10 -1.72 -28.97 27.17
CA SER K 10 -0.61 -28.34 27.88
C SER K 10 0.21 -27.46 26.92
N TRP K 11 1.02 -26.57 27.46
CA TRP K 11 1.74 -25.56 26.66
C TRP K 11 3.24 -25.79 26.70
N LEU K 12 3.84 -25.77 25.53
CA LEU K 12 5.28 -25.70 25.41
C LEU K 12 5.56 -24.23 25.22
N LEU K 13 6.32 -23.65 26.16
CA LEU K 13 6.60 -22.22 26.16
C LEU K 13 8.08 -21.94 26.01
N ASP K 14 8.43 -21.09 25.05
CA ASP K 14 9.79 -20.63 24.96
C ASP K 14 10.10 -19.77 26.22
N GLY K 15 11.28 -19.98 26.84
CA GLY K 15 11.70 -19.16 27.98
C GLY K 15 11.77 -17.66 27.71
N LEU K 16 11.93 -17.28 26.44
CA LEU K 16 11.88 -15.89 25.99
C LEU K 16 10.49 -15.22 26.00
N ILE K 17 9.41 -16.00 26.09
CA ILE K 17 8.04 -15.41 26.10
C ILE K 17 7.99 -14.29 27.12
N ALA K 18 7.43 -13.12 26.78
CA ALA K 18 7.39 -11.98 27.72
C ALA K 18 6.17 -12.07 28.64
N VAL K 19 6.17 -11.26 29.70
CA VAL K 19 5.13 -11.32 30.75
C VAL K 19 3.68 -11.15 30.26
N PRO K 20 3.39 -10.12 29.43
CA PRO K 20 2.01 -10.01 29.04
C PRO K 20 1.50 -11.19 28.21
N GLU K 21 2.30 -11.66 27.25
CA GLU K 21 1.92 -12.84 26.44
C GLU K 21 1.78 -14.09 27.33
N LEU K 22 2.68 -14.26 28.29
CA LEU K 22 2.60 -15.35 29.30
C LEU K 22 1.28 -15.25 30.07
N LYS K 23 0.93 -14.05 30.56
CA LYS K 23 -0.30 -13.89 31.39
C LYS K 23 -1.52 -14.23 30.57
N ASP K 24 -1.53 -13.78 29.32
CA ASP K 24 -2.70 -14.03 28.50
C ASP K 24 -2.80 -15.45 27.92
N THR K 25 -1.65 -16.08 27.71
CA THR K 25 -1.61 -17.50 27.30
C THR K 25 -2.14 -18.42 28.41
N LEU K 26 -1.61 -18.24 29.62
CA LEU K 26 -1.95 -19.13 30.74
C LEU K 26 -3.13 -18.63 31.51
N GLY K 27 -3.69 -17.46 31.12
CA GLY K 27 -4.77 -16.83 31.91
C GLY K 27 -4.34 -16.57 33.37
N LEU K 28 -3.16 -15.98 33.56
CA LEU K 28 -2.66 -15.70 34.92
C LEU K 28 -3.27 -14.44 35.50
N ARG K 29 -3.62 -14.46 36.79
CA ARG K 29 -4.05 -13.27 37.48
C ARG K 29 -2.91 -12.26 37.65
N ALA K 30 -1.75 -12.78 38.06
CA ALA K 30 -0.56 -12.01 38.47
C ALA K 30 0.69 -12.76 38.05
N VAL K 31 1.84 -12.07 38.02
CA VAL K 31 3.15 -12.72 38.11
C VAL K 31 3.87 -12.23 39.38
N PRO K 32 4.92 -12.95 39.86
CA PRO K 32 5.73 -12.47 41.03
C PRO K 32 6.37 -11.08 40.80
N GLU K 33 6.32 -10.22 41.82
CA GLU K 33 6.94 -8.87 41.78
C GLU K 33 6.51 -8.05 40.58
N GLU K 34 5.29 -8.31 40.10
CA GLU K 34 4.81 -7.71 38.87
C GLU K 34 5.08 -6.21 38.81
N GLU K 35 5.63 -5.75 37.69
CA GLU K 35 5.91 -4.32 37.46
C GLU K 35 6.99 -3.70 38.39
N LYS K 36 7.66 -4.55 39.19
CA LYS K 36 8.87 -4.13 39.94
C LYS K 36 10.08 -4.29 39.01
N GLY K 37 9.83 -4.87 37.83
CA GLY K 37 10.84 -5.02 36.78
C GLY K 37 12.05 -5.87 37.14
N VAL K 38 11.85 -6.89 37.96
CA VAL K 38 12.96 -7.76 38.35
C VAL K 38 13.29 -8.82 37.30
N TYR K 39 12.36 -9.08 36.36
CA TYR K 39 12.55 -10.01 35.24
C TYR K 39 11.54 -9.63 34.13
N HIS K 40 11.82 -10.00 32.87
CA HIS K 40 10.91 -9.61 31.79
C HIS K 40 10.37 -10.74 30.89
N THR K 41 10.63 -11.97 31.33
CA THR K 41 10.64 -13.13 30.48
C THR K 41 10.26 -14.32 31.39
N LEU K 42 9.63 -15.38 30.84
CA LEU K 42 9.37 -16.61 31.61
C LEU K 42 10.63 -17.19 32.24
N SER K 43 11.70 -17.25 31.48
CA SER K 43 12.95 -17.77 31.99
C SER K 43 13.40 -16.99 33.26
N GLY K 44 13.33 -15.66 33.21
CA GLY K 44 13.70 -14.81 34.35
C GLY K 44 12.74 -14.96 35.52
N MSE K 45 11.47 -15.26 35.20
CA MSE K 45 10.46 -15.49 36.26
C MSE K 45 10.72 -16.73 37.12
O MSE K 45 10.65 -16.67 38.35
CB MSE K 45 9.06 -15.57 35.68
CG MSE K 45 7.97 -15.72 36.75
SE MSE K 45 6.19 -15.97 35.93
CE MSE K 45 5.95 -17.80 36.51
N ILE K 46 11.03 -17.84 36.45
CA ILE K 46 11.37 -19.10 37.10
C ILE K 46 12.69 -18.97 37.86
N MSE K 47 13.71 -18.36 37.23
CA MSE K 47 14.98 -18.07 37.93
C MSE K 47 14.75 -17.22 39.18
O MSE K 47 15.34 -17.48 40.23
CB MSE K 47 15.98 -17.37 37.01
CG MSE K 47 17.30 -17.16 37.69
SE MSE K 47 18.71 -16.41 36.55
CE MSE K 47 17.93 -14.65 36.21
N TRP K 48 13.89 -16.21 39.06
CA TRP K 48 13.51 -15.40 40.21
C TRP K 48 12.85 -16.25 41.29
N LEU K 49 11.95 -17.16 40.91
CA LEU K 49 11.32 -18.07 41.89
C LEU K 49 12.29 -19.06 42.57
N LEU K 50 13.25 -19.56 41.78
CA LEU K 50 14.26 -20.51 42.30
C LEU K 50 15.31 -19.85 43.16
N GLY K 51 15.64 -18.60 42.83
CA GLY K 51 16.75 -17.87 43.49
C GLY K 51 18.13 -18.36 43.06
N ARG K 52 18.21 -19.05 41.93
CA ARG K 52 19.49 -19.55 41.41
C ARG K 52 19.27 -19.90 39.96
N LEU K 53 20.37 -20.24 39.28
CA LEU K 53 20.34 -20.74 37.93
C LEU K 53 19.42 -21.95 37.81
N PRO K 54 18.39 -21.89 36.90
CA PRO K 54 17.57 -23.08 36.66
C PRO K 54 18.32 -24.27 36.03
N GLN K 55 17.81 -25.48 36.28
CA GLN K 55 18.33 -26.70 35.68
C GLN K 55 17.21 -27.45 34.98
N THR K 56 17.58 -28.20 33.95
CA THR K 56 16.66 -29.10 33.34
C THR K 56 16.01 -29.97 34.43
N GLY K 57 14.68 -29.97 34.47
CA GLY K 57 13.96 -30.81 35.40
C GLY K 57 13.53 -30.09 36.65
N ASP K 58 13.96 -28.83 36.81
CA ASP K 58 13.42 -27.99 37.86
C ASP K 58 11.89 -27.85 37.63
N ILE K 59 11.12 -27.99 38.70
CA ILE K 59 9.68 -27.84 38.68
C ILE K 59 9.34 -26.72 39.63
N THR K 60 8.61 -25.75 39.11
CA THR K 60 8.14 -24.66 39.91
C THR K 60 6.64 -24.55 39.70
N PHE K 61 5.93 -24.05 40.71
CA PHE K 61 4.50 -23.87 40.64
C PHE K 61 4.12 -22.35 40.69
N TRP K 62 3.19 -21.93 39.83
CA TRP K 62 2.66 -20.55 39.91
C TRP K 62 1.19 -20.56 39.62
N GLU K 63 0.38 -20.02 40.53
CA GLU K 63 -1.06 -20.10 40.38
C GLU K 63 -1.50 -21.54 40.07
N ASN K 64 -2.26 -21.86 39.05
CA ASN K 64 -2.52 -23.30 38.92
C ASN K 64 -1.76 -24.00 37.78
N TRP K 65 -0.53 -23.55 37.57
CA TRP K 65 0.36 -24.10 36.54
C TRP K 65 1.60 -24.74 37.17
N ARG K 66 1.86 -25.98 36.78
CA ARG K 66 3.15 -26.62 37.01
C ARG K 66 4.02 -26.27 35.80
N LEU K 67 5.21 -25.76 36.09
CA LEU K 67 6.15 -25.30 35.10
C LEU K 67 7.43 -26.13 35.22
N GLU K 68 7.75 -26.87 34.17
CA GLU K 68 8.89 -27.78 34.17
C GLU K 68 9.89 -27.28 33.14
N VAL K 69 11.13 -27.07 33.56
CA VAL K 69 12.22 -26.79 32.62
C VAL K 69 12.56 -28.05 31.81
N ILE K 70 12.39 -27.91 30.50
CA ILE K 70 12.58 -28.98 29.50
C ILE K 70 14.01 -28.97 28.94
N ASP K 71 14.57 -27.78 28.77
CA ASP K 71 15.84 -27.59 28.11
C ASP K 71 16.42 -26.27 28.60
N MSE K 72 17.75 -26.20 28.65
CA MSE K 72 18.48 -24.97 28.98
C MSE K 72 19.20 -24.44 27.74
O MSE K 72 19.63 -25.22 26.89
CB MSE K 72 19.53 -25.27 30.07
CG MSE K 72 18.99 -25.63 31.48
SE MSE K 72 17.95 -24.17 32.20
CE MSE K 72 19.42 -22.87 32.53
N ASP K 73 19.32 -23.12 27.60
CA ASP K 73 20.22 -22.55 26.57
C ASP K 73 21.34 -21.77 27.25
N SER K 74 22.34 -22.53 27.69
CA SER K 74 23.39 -22.05 28.58
C SER K 74 22.78 -21.50 29.88
N LYS K 75 22.77 -20.18 30.04
CA LYS K 75 22.36 -19.55 31.30
C LYS K 75 20.86 -19.24 31.38
N ARG K 76 20.16 -19.38 30.25
CA ARG K 76 18.72 -19.09 30.20
C ARG K 76 17.94 -20.36 29.90
N ILE K 77 16.69 -20.41 30.35
CA ILE K 77 15.81 -21.54 30.07
C ILE K 77 15.37 -21.46 28.61
N ASP K 78 15.43 -22.58 27.91
CA ASP K 78 15.08 -22.54 26.51
C ASP K 78 13.59 -22.84 26.34
N LYS K 79 13.15 -23.91 27.01
CA LYS K 79 11.81 -24.45 26.83
C LYS K 79 11.26 -24.91 28.19
N VAL K 80 10.00 -24.56 28.44
CA VAL K 80 9.23 -24.95 29.60
C VAL K 80 7.96 -25.70 29.16
N LEU K 81 7.63 -26.76 29.91
CA LEU K 81 6.33 -27.41 29.81
C LEU K 81 5.40 -26.92 30.95
N ALA K 82 4.31 -26.25 30.54
CA ALA K 82 3.33 -25.71 31.47
C ALA K 82 2.06 -26.55 31.43
N THR K 83 1.67 -27.06 32.60
CA THR K 83 0.57 -27.98 32.73
C THR K 83 -0.35 -27.46 33.84
N LYS K 84 -1.65 -27.51 33.64
CA LYS K 84 -2.59 -27.13 34.70
C LYS K 84 -2.53 -28.09 35.91
N ILE K 85 -2.61 -27.52 37.10
CA ILE K 85 -2.70 -28.32 38.31
C ILE K 85 -4.15 -28.78 38.49
N ASP K 86 -4.33 -30.09 38.41
CA ASP K 86 -5.62 -30.73 38.15
C ASP K 86 -5.50 -31.75 36.99
N SER L 1 22.49 -13.04 25.35
CA SER L 1 22.10 -11.63 25.68
C SER L 1 23.31 -10.84 26.19
N ASN L 2 24.43 -11.03 25.51
CA ASN L 2 25.72 -10.45 25.86
C ASN L 2 26.72 -10.26 24.70
N ALA L 3 28.00 -10.18 25.04
CA ALA L 3 29.03 -9.65 24.16
C ALA L 3 30.39 -10.24 24.55
N VAL L 4 31.07 -10.87 23.61
CA VAL L 4 32.48 -11.25 23.80
C VAL L 4 33.37 -10.57 22.76
N GLN L 5 34.37 -9.82 23.24
CA GLN L 5 35.33 -9.14 22.37
C GLN L 5 36.37 -10.14 21.86
N ARG L 6 36.59 -10.17 20.55
CA ARG L 6 37.63 -11.07 20.02
C ARG L 6 39.01 -10.41 20.11
N GLU L 7 40.07 -11.18 19.82
CA GLU L 7 41.42 -10.67 20.03
C GLU L 7 41.82 -9.49 19.10
N ASP L 8 41.22 -9.40 17.91
CA ASP L 8 41.38 -8.18 17.09
C ASP L 8 40.42 -7.05 17.48
N GLY L 9 39.66 -7.21 18.57
CA GLY L 9 38.77 -6.15 19.06
C GLY L 9 37.35 -6.10 18.50
N SER L 10 37.08 -6.89 17.46
CA SER L 10 35.71 -7.06 17.02
C SER L 10 34.87 -7.71 18.13
N TRP L 11 33.55 -7.66 17.99
CA TRP L 11 32.64 -8.15 18.99
C TRP L 11 31.77 -9.26 18.45
N LEU L 12 31.66 -10.31 19.23
CA LEU L 12 30.63 -11.35 19.01
C LEU L 12 29.45 -11.01 19.88
N LEU L 13 28.31 -10.77 19.26
CA LEU L 13 27.12 -10.29 19.98
C LEU L 13 25.98 -11.26 19.84
N ASP L 14 25.32 -11.56 20.95
CA ASP L 14 24.08 -12.32 20.89
C ASP L 14 22.98 -11.42 20.32
N GLY L 15 22.14 -11.97 19.42
CA GLY L 15 21.02 -11.22 18.82
C GLY L 15 20.11 -10.69 19.91
N LEU L 16 20.10 -11.36 21.06
CA LEU L 16 19.29 -11.00 22.24
C LEU L 16 19.79 -9.82 23.07
N ILE L 17 21.02 -9.37 22.82
CA ILE L 17 21.58 -8.20 23.50
C ILE L 17 20.59 -7.04 23.38
N ALA L 18 20.21 -6.49 24.53
CA ALA L 18 19.29 -5.37 24.60
C ALA L 18 19.99 -4.07 24.25
N VAL L 19 19.17 -3.06 23.96
CA VAL L 19 19.63 -1.74 23.52
C VAL L 19 20.63 -1.01 24.47
N PRO L 20 20.30 -0.88 25.77
CA PRO L 20 21.27 -0.20 26.63
C PRO L 20 22.62 -0.91 26.68
N GLU L 21 22.63 -2.24 26.75
CA GLU L 21 23.88 -2.98 26.74
C GLU L 21 24.60 -2.89 25.39
N LEU L 22 23.83 -2.88 24.29
CA LEU L 22 24.42 -2.67 22.95
C LEU L 22 25.10 -1.31 22.87
N LYS L 23 24.39 -0.27 23.29
CA LYS L 23 24.94 1.08 23.27
C LYS L 23 26.24 1.21 24.05
N ASP L 24 26.28 0.68 25.28
CA ASP L 24 27.52 0.64 26.06
C ASP L 24 28.67 -0.15 25.43
N THR L 25 28.37 -1.30 24.82
CA THR L 25 29.39 -2.16 24.21
C THR L 25 30.11 -1.50 23.02
N LEU L 26 29.32 -1.01 22.06
CA LEU L 26 29.85 -0.51 20.82
C LEU L 26 30.04 1.00 20.87
N GLY L 27 29.84 1.60 22.04
CA GLY L 27 29.96 3.05 22.21
C GLY L 27 28.99 3.79 21.29
N LEU L 28 27.76 3.31 21.24
CA LEU L 28 26.72 3.94 20.41
C LEU L 28 26.21 5.26 20.98
N ARG L 29 26.15 6.26 20.11
CA ARG L 29 25.52 7.53 20.44
C ARG L 29 24.02 7.35 20.40
N ALA L 30 23.55 6.50 19.49
CA ALA L 30 22.13 6.28 19.25
C ALA L 30 21.87 4.92 18.60
N VAL L 31 20.60 4.51 18.60
CA VAL L 31 20.09 3.39 17.80
C VAL L 31 18.89 3.87 16.97
N PRO L 32 18.60 3.22 15.80
CA PRO L 32 17.52 3.73 14.94
C PRO L 32 16.12 3.66 15.58
N GLU L 33 15.26 4.63 15.24
CA GLU L 33 13.89 4.71 15.79
C GLU L 33 13.86 4.60 17.31
N GLU L 34 14.86 5.22 17.96
CA GLU L 34 14.95 5.24 19.40
C GLU L 34 13.75 5.98 19.97
N GLU L 35 13.20 5.46 21.06
CA GLU L 35 12.04 6.06 21.77
C GLU L 35 10.70 5.52 21.27
N LYS L 36 10.73 4.64 20.26
CA LYS L 36 9.52 4.17 19.58
C LYS L 36 9.15 2.71 19.81
N GLY L 37 10.08 1.94 20.37
CA GLY L 37 9.83 0.57 20.78
C GLY L 37 9.46 -0.45 19.72
N VAL L 38 9.90 -0.25 18.48
CA VAL L 38 9.57 -1.21 17.40
C VAL L 38 10.42 -2.49 17.43
N TYR L 39 11.47 -2.45 18.24
CA TYR L 39 12.33 -3.61 18.54
C TYR L 39 13.02 -3.28 19.88
N HIS L 40 13.51 -4.30 20.58
CA HIS L 40 14.15 -4.14 21.88
CA HIS L 40 14.19 -4.08 21.85
C HIS L 40 15.49 -4.89 21.94
N THR L 41 15.91 -5.40 20.79
CA THR L 41 16.98 -6.37 20.70
C THR L 41 17.83 -6.08 19.43
N LEU L 42 19.12 -6.41 19.45
CA LEU L 42 19.98 -6.26 18.26
C LEU L 42 19.45 -7.05 17.07
N SER L 43 18.89 -8.22 17.32
CA SER L 43 18.26 -8.96 16.24
C SER L 43 17.12 -8.12 15.61
N GLY L 44 16.23 -7.58 16.45
CA GLY L 44 15.18 -6.67 15.96
C GLY L 44 15.72 -5.44 15.21
N MSE L 45 16.87 -4.92 15.66
CA MSE L 45 17.46 -3.71 15.08
C MSE L 45 17.89 -3.97 13.65
O MSE L 45 17.58 -3.18 12.77
CB MSE L 45 18.64 -3.23 15.91
CG MSE L 45 19.19 -1.86 15.45
SE MSE L 45 20.72 -1.21 16.53
CE MSE L 45 22.20 -1.65 15.36
N ILE L 46 18.58 -5.08 13.44
CA ILE L 46 19.11 -5.45 12.14
C ILE L 46 17.97 -5.76 11.18
N MSE L 47 16.94 -6.44 11.69
CA MSE L 47 15.75 -6.69 10.89
C MSE L 47 15.12 -5.38 10.40
O MSE L 47 14.67 -5.29 9.25
CB MSE L 47 14.74 -7.56 11.61
CG MSE L 47 13.70 -8.12 10.66
SE MSE L 47 12.35 -9.19 11.53
CE MSE L 47 10.77 -8.03 11.49
N TRP L 48 15.06 -4.39 11.29
CA TRP L 48 14.53 -3.07 10.92
C TRP L 48 15.39 -2.37 9.84
N LEU L 49 16.72 -2.43 9.96
CA LEU L 49 17.59 -1.91 8.89
C LEU L 49 17.43 -2.61 7.53
N LEU L 50 17.25 -3.94 7.56
CA LEU L 50 17.06 -4.76 6.35
C LEU L 50 15.73 -4.53 5.66
N GLY L 51 14.69 -4.29 6.46
CA GLY L 51 13.30 -4.22 5.92
C GLY L 51 12.74 -5.58 5.57
N ARG L 52 13.33 -6.64 6.13
CA ARG L 52 12.93 -8.02 5.86
C ARG L 52 13.61 -8.98 6.86
N LEU L 53 13.15 -10.24 6.87
CA LEU L 53 13.77 -11.28 7.66
C LEU L 53 15.26 -11.35 7.35
N PRO L 54 16.11 -11.36 8.39
CA PRO L 54 17.55 -11.50 8.19
C PRO L 54 17.93 -12.94 7.80
N GLN L 55 19.12 -13.12 7.21
CA GLN L 55 19.66 -14.41 6.80
C GLN L 55 21.11 -14.40 7.19
N THR L 56 21.69 -15.58 7.33
CA THR L 56 23.12 -15.72 7.54
C THR L 56 23.90 -15.08 6.40
N GLY L 57 24.91 -14.28 6.73
CA GLY L 57 25.67 -13.53 5.73
C GLY L 57 25.15 -12.11 5.52
N ASP L 58 23.99 -11.78 6.09
CA ASP L 58 23.50 -10.42 5.96
C ASP L 58 24.47 -9.45 6.62
N ILE L 59 24.76 -8.35 5.91
CA ILE L 59 25.64 -7.31 6.41
C ILE L 59 24.90 -6.00 6.46
N THR L 60 24.93 -5.34 7.60
CA THR L 60 24.27 -4.05 7.73
C THR L 60 25.23 -3.10 8.48
N PHE L 61 24.93 -1.81 8.52
CA PHE L 61 25.74 -0.82 9.20
C PHE L 61 24.95 0.10 10.08
N TRP L 62 25.57 0.44 11.21
CA TRP L 62 25.06 1.46 12.07
C TRP L 62 26.22 2.26 12.59
N GLU L 63 26.23 3.54 12.24
CA GLU L 63 27.03 4.51 12.99
C GLU L 63 28.48 4.03 13.29
N ASN L 64 29.26 3.76 12.22
CA ASN L 64 30.67 3.26 12.33
C ASN L 64 30.87 1.77 12.63
N TRP L 65 29.78 1.00 12.73
CA TRP L 65 29.87 -0.45 12.92
C TRP L 65 29.32 -1.27 11.74
N ARG L 66 30.13 -2.20 11.23
CA ARG L 66 29.64 -3.23 10.32
C ARG L 66 29.11 -4.42 11.13
N LEU L 67 27.92 -4.89 10.79
CA LEU L 67 27.30 -5.94 11.54
C LEU L 67 26.98 -7.10 10.60
N GLU L 68 27.51 -8.25 10.94
CA GLU L 68 27.37 -9.41 10.11
C GLU L 68 26.59 -10.45 10.84
N VAL L 69 25.52 -10.92 10.20
CA VAL L 69 24.80 -12.08 10.74
C VAL L 69 25.63 -13.34 10.54
N ILE L 70 25.98 -13.95 11.67
CA ILE L 70 26.78 -15.16 11.77
C ILE L 70 25.92 -16.44 11.77
N ASP L 71 24.74 -16.33 12.38
CA ASP L 71 23.93 -17.49 12.74
C ASP L 71 22.51 -16.99 13.01
N MSE L 72 21.54 -17.77 12.52
CA MSE L 72 20.09 -17.61 12.77
C MSE L 72 19.64 -18.68 13.75
O MSE L 72 20.11 -19.82 13.69
CB MSE L 72 19.29 -17.82 11.48
CG MSE L 72 19.55 -16.84 10.35
SE MSE L 72 19.23 -15.02 10.89
CE MSE L 72 17.28 -15.04 11.18
N ASP L 73 18.70 -18.31 14.62
CA ASP L 73 17.99 -19.26 15.45
C ASP L 73 16.51 -19.07 15.09
N SER L 74 16.06 -19.88 14.14
CA SER L 74 14.70 -19.76 13.60
C SER L 74 14.56 -18.40 12.91
N LYS L 75 13.60 -17.59 13.37
CA LYS L 75 13.38 -16.24 12.85
C LYS L 75 14.21 -15.17 13.59
N ARG L 76 14.91 -15.56 14.66
CA ARG L 76 15.79 -14.66 15.39
C ARG L 76 17.21 -14.75 14.83
N ILE L 77 17.92 -13.62 14.79
CA ILE L 77 19.38 -13.65 14.60
C ILE L 77 19.99 -14.21 15.91
N ASP L 78 20.87 -15.20 15.78
CA ASP L 78 21.46 -15.83 16.94
C ASP L 78 22.73 -15.06 17.36
N LYS L 79 23.59 -14.76 16.39
CA LYS L 79 24.92 -14.23 16.69
C LYS L 79 25.33 -13.23 15.62
N VAL L 80 25.94 -12.12 16.05
CA VAL L 80 26.43 -11.05 15.17
C VAL L 80 27.94 -10.80 15.38
N LEU L 81 28.67 -10.61 14.29
CA LEU L 81 30.02 -10.09 14.36
C LEU L 81 29.96 -8.58 14.14
N ALA L 82 30.41 -7.80 15.11
CA ALA L 82 30.49 -6.37 14.95
C ALA L 82 31.95 -5.89 14.85
N THR L 83 32.25 -5.17 13.77
CA THR L 83 33.58 -4.63 13.48
C THR L 83 33.46 -3.12 13.30
N LYS L 84 34.38 -2.36 13.88
CA LYS L 84 34.35 -0.91 13.68
C LYS L 84 34.99 -0.52 12.34
N ILE L 85 34.39 0.46 11.68
CA ILE L 85 34.78 0.93 10.34
C ILE L 85 35.89 1.96 10.41
N ASP L 86 37.02 1.66 9.77
CA ASP L 86 38.11 2.62 9.46
C ASP L 86 39.50 1.99 9.33
C ACT M . -20.25 -9.88 14.83
O ACT M . -21.22 -9.06 14.66
OXT ACT M . -19.35 -9.94 13.90
CH3 ACT M . -20.17 -10.78 16.05
C1 EDO N . -29.21 2.97 2.35
O1 EDO N . -28.82 4.24 2.91
C2 EDO N . -28.34 1.88 3.00
O2 EDO N . -28.85 0.58 2.63
C1 EDO O . -31.87 -7.00 26.51
O1 EDO O . -30.99 -5.99 27.02
C2 EDO O . -31.57 -8.35 27.15
O2 EDO O . -32.76 -8.82 27.80
C1 EDO P . -5.86 -21.47 7.21
O1 EDO P . -4.77 -20.93 8.02
C2 EDO P . -6.87 -22.20 8.07
O2 EDO P . -8.21 -21.66 8.04
C FMT Q . -5.11 -7.51 26.85
O1 FMT Q . -6.24 -7.01 26.83
O2 FMT Q . -4.51 -7.86 27.89
C1 EDO R . -30.17 -16.02 30.19
O1 EDO R . -30.63 -16.11 31.56
C2 EDO R . -31.05 -16.90 29.32
O2 EDO R . -31.03 -16.49 27.93
C1 EDO S . -8.16 -20.56 17.54
O1 EDO S . -7.80 -20.52 18.93
C2 EDO S . -8.43 -21.98 17.06
O2 EDO S . -7.61 -22.17 15.88
C1 EDO T . -25.28 -17.99 39.49
O1 EDO T . -24.73 -17.09 40.43
C2 EDO T . -26.12 -19.06 40.21
O2 EDO T . -27.34 -19.22 39.49
C FMT U . -6.50 -13.35 24.07
O1 FMT U . -6.87 -14.56 24.19
O2 FMT U . -7.21 -12.36 23.77
C ACT V . 17.24 15.83 -7.18
O ACT V . 16.07 15.81 -7.74
OXT ACT V . 17.92 16.93 -7.12
CH3 ACT V . 17.77 14.57 -6.54
C FMT W . 35.35 27.71 -28.79
O1 FMT W . 35.14 26.51 -28.56
O2 FMT W . 36.28 28.38 -28.31
C ACT X . 14.81 16.91 -3.10
O ACT X . 13.65 16.95 -3.63
OXT ACT X . 15.57 17.90 -3.30
CH3 ACT X . 15.29 15.75 -2.26
C1 EDO Y . 16.06 19.68 -12.76
O1 EDO Y . 16.34 20.85 -13.48
C2 EDO Y . 16.89 19.73 -11.50
O2 EDO Y . 16.66 18.52 -10.83
C1 EDO Z . 1.06 6.76 -8.75
O1 EDO Z . 1.18 6.88 -7.31
C2 EDO Z . -0.23 6.00 -9.10
O2 EDO Z . -0.28 5.81 -10.52
C1 EDO AA . 30.68 8.54 5.01
O1 EDO AA . 29.56 9.44 4.70
C2 EDO AA . 31.27 7.99 3.70
O2 EDO AA . 32.27 6.95 3.89
C1 EDO BA . 36.34 3.05 -13.73
O1 EDO BA . 37.45 3.73 -13.13
C2 EDO BA . 36.54 3.06 -15.24
O2 EDO BA . 35.74 2.05 -15.82
C1 EDO CA . 19.75 15.22 -0.27
O1 EDO CA . 20.37 14.96 -1.55
C2 EDO CA . 20.56 14.63 0.91
O2 EDO CA . 19.84 13.59 1.65
MG MG DA . -0.64 -20.73 -24.04
MG MG EA . 1.37 -13.47 -23.01
MG MG FA . 0.30 -16.88 -23.46
MG MG GA . -25.08 25.91 -15.00
MG MG HA . -23.98 26.87 -18.11
C1 EDO IA . -9.52 25.72 3.00
O1 EDO IA . -8.44 25.96 2.07
C2 EDO IA . -10.26 24.42 2.69
O2 EDO IA . -11.44 24.32 3.51
C FMT JA . -20.11 7.94 -18.44
O1 FMT JA . -20.81 7.22 -17.72
O2 FMT JA . -19.95 9.17 -18.29
C FMT KA . -12.40 8.26 -1.98
O1 FMT KA . -13.52 7.86 -1.60
O2 FMT KA . -11.69 9.17 -1.51
MG MG LA . -25.93 24.64 -11.54
C1 EDO MA . -19.36 9.91 -27.65
O1 EDO MA . -19.13 9.01 -26.54
C2 EDO MA . -20.87 10.08 -27.83
O2 EDO MA . -21.28 11.10 -28.76
C ACT NA . 15.03 -23.20 20.18
O ACT NA . 15.55 -24.27 19.76
OXT ACT NA . 15.64 -22.15 19.92
CH3 ACT NA . 13.75 -23.19 20.95
C FMT OA . 37.09 -4.37 14.75
O1 FMT OA . 38.19 -4.96 14.87
O2 FMT OA . 36.37 -3.90 15.66
#